data_9MK4
#
_entry.id   9MK4
#
_cell.length_a   73.221
_cell.length_b   73.221
_cell.length_c   274.432
_cell.angle_alpha   90.00
_cell.angle_beta   90.00
_cell.angle_gamma   90.00
#
_symmetry.space_group_name_H-M   'P 43'
#
loop_
_entity.id
_entity.type
_entity.pdbx_description
1 polymer '12A01 Fab heavy chain'
2 polymer '12A01 Fab light chain'
#
loop_
_entity_poly.entity_id
_entity_poly.type
_entity_poly.pdbx_seq_one_letter_code
_entity_poly.pdbx_strand_id
1 'polypeptide(L)'
;QVQLVQSGAEVKQPGASVKVSCKASGYTFSDHFMHWVRQAPGQGLEWMGWINPKSGGPNYAQKFQGRVTMTRDRSISTAY
MELRGLRSDDTAIYYCARPMHDYDDHDWYFDLWGRGTLVTVSSASTKGPSVFPLAPSSKSTSGGTAALGCLVKDYFPEPV
TVSWNSGALTSGVHTFPAVLQSSGLYSLSSVVTVPSSSLGTQTYICNVNHKPSNTKVDKRVEPKSCD
;
H,C
2 'polypeptide(L)'
;VSVLTQSPGTLSLSPGERATLSCRASQTVGSSYLAWYQQKPGQAPRLLIYGASSRATGIPDRFSGSGSGTDFTLTISRLE
PEDFAVYYCQQYEAFGQGTKVEIKRTVAAPSVFIFPPSDEQLKSGTASVVCLLNNFYPREAKVQWKVDNALQSGNSQESV
TEQDSKDSTYSLSSTLTLSKADYEKHKVYACEVTQGTTSVTKSFNRGEC
;
L,D
#
# COMPACT_ATOMS: atom_id res chain seq x y z
N VAL A 2 -29.29 16.40 14.22
CA VAL A 2 -28.36 15.45 13.64
C VAL A 2 -27.11 15.33 14.51
N GLN A 3 -27.00 14.22 15.24
CA GLN A 3 -25.89 14.02 16.15
C GLN A 3 -25.72 12.53 16.41
N LEU A 4 -24.55 12.17 16.92
CA LEU A 4 -24.25 10.78 17.30
C LEU A 4 -23.44 10.83 18.60
N VAL A 5 -24.09 10.53 19.72
CA VAL A 5 -23.46 10.50 21.03
C VAL A 5 -23.08 9.06 21.35
N GLN A 6 -21.93 8.89 21.99
CA GLN A 6 -21.42 7.56 22.33
C GLN A 6 -21.17 7.47 23.83
N SER A 7 -20.93 6.25 24.29
CA SER A 7 -20.65 6.01 25.69
C SER A 7 -19.28 6.57 26.07
N GLY A 8 -19.09 6.75 27.38
CA GLY A 8 -17.84 7.28 27.88
C GLY A 8 -16.70 6.28 27.77
N ALA A 9 -15.49 6.79 28.01
CA ALA A 9 -14.30 5.95 27.93
C ALA A 9 -14.30 4.90 29.03
N GLU A 10 -13.76 3.73 28.70
CA GLU A 10 -13.70 2.61 29.63
C GLU A 10 -12.30 2.01 29.61
N VAL A 11 -11.95 1.33 30.70
CA VAL A 11 -10.69 0.62 30.83
C VAL A 11 -11.00 -0.82 31.21
N LYS A 12 -10.39 -1.77 30.51
CA LYS A 12 -10.66 -3.19 30.71
C LYS A 12 -9.35 -3.96 30.80
N GLN A 13 -9.38 -5.02 31.59
CA GLN A 13 -8.23 -5.92 31.69
C GLN A 13 -8.15 -6.79 30.43
N PRO A 14 -6.95 -7.29 30.10
CA PRO A 14 -6.84 -8.22 28.97
C PRO A 14 -7.69 -9.45 29.17
N GLY A 15 -8.31 -9.91 28.10
CA GLY A 15 -9.20 -11.04 28.14
C GLY A 15 -10.64 -10.73 28.50
N ALA A 16 -10.94 -9.49 28.89
CA ALA A 16 -12.28 -9.09 29.27
C ALA A 16 -13.07 -8.66 28.04
N SER A 17 -14.24 -8.06 28.25
CA SER A 17 -15.09 -7.59 27.18
C SER A 17 -15.59 -6.19 27.50
N VAL A 18 -15.89 -5.42 26.45
CA VAL A 18 -16.37 -4.05 26.59
C VAL A 18 -17.52 -3.85 25.61
N LYS A 19 -18.55 -3.12 26.06
CA LYS A 19 -19.71 -2.80 25.25
C LYS A 19 -19.84 -1.29 25.14
N VAL A 20 -19.98 -0.80 23.91
CA VAL A 20 -20.01 0.63 23.62
C VAL A 20 -21.34 0.96 22.94
N SER A 21 -22.00 2.01 23.42
CA SER A 21 -23.28 2.44 22.90
C SER A 21 -23.10 3.63 21.96
N CYS A 22 -24.12 3.85 21.12
CA CYS A 22 -24.10 4.94 20.13
C CYS A 22 -25.56 5.33 19.88
N LYS A 23 -26.01 6.39 20.54
CA LYS A 23 -27.38 6.86 20.39
C LYS A 23 -27.48 7.87 19.26
N ALA A 24 -28.51 7.72 18.44
CA ALA A 24 -28.69 8.55 17.26
C ALA A 24 -29.78 9.59 17.50
N SER A 25 -29.54 10.81 17.02
CA SER A 25 -30.49 11.91 17.15
C SER A 25 -30.52 12.70 15.85
N GLY A 26 -31.67 13.32 15.59
CA GLY A 26 -31.82 14.19 14.45
C GLY A 26 -32.14 13.51 13.14
N TYR A 27 -32.34 12.19 13.12
CA TYR A 27 -32.65 11.49 11.89
C TYR A 27 -33.34 10.17 12.24
N THR A 28 -33.90 9.53 11.22
CA THR A 28 -34.58 8.25 11.39
C THR A 28 -33.54 7.15 11.53
N PHE A 29 -33.53 6.48 12.69
CA PHE A 29 -32.48 5.52 13.00
C PHE A 29 -32.51 4.32 12.05
N SER A 30 -33.71 3.85 11.71
CA SER A 30 -33.85 2.61 10.95
C SER A 30 -33.59 2.77 9.46
N ASP A 31 -33.47 4.00 8.96
CA ASP A 31 -33.30 4.22 7.53
C ASP A 31 -31.84 4.16 7.09
N HIS A 32 -30.89 4.09 8.01
CA HIS A 32 -29.47 4.04 7.68
C HIS A 32 -28.79 2.95 8.49
N PHE A 33 -27.80 2.31 7.87
CA PHE A 33 -26.99 1.34 8.60
C PHE A 33 -26.10 2.05 9.61
N MET A 34 -25.57 1.27 10.56
CA MET A 34 -24.67 1.78 11.58
C MET A 34 -23.36 0.99 11.49
N HIS A 35 -22.29 1.68 11.09
CA HIS A 35 -20.98 1.07 10.97
C HIS A 35 -20.11 1.42 12.18
N TRP A 36 -19.14 0.57 12.46
CA TRP A 36 -18.20 0.76 13.56
C TRP A 36 -16.79 0.70 13.00
N VAL A 37 -16.02 1.76 13.24
CA VAL A 37 -14.64 1.86 12.78
C VAL A 37 -13.77 2.30 13.95
N ARG A 38 -12.73 1.52 14.24
CA ARG A 38 -11.80 1.84 15.30
C ARG A 38 -10.50 2.40 14.72
N GLN A 39 -9.76 3.13 15.55
CA GLN A 39 -8.50 3.75 15.14
C GLN A 39 -7.51 3.62 16.29
N ALA A 40 -6.46 2.83 16.08
CA ALA A 40 -5.41 2.72 17.07
C ALA A 40 -4.64 4.04 17.17
N PRO A 41 -4.03 4.32 18.32
CA PRO A 41 -3.27 5.58 18.46
C PRO A 41 -2.09 5.64 17.49
N GLY A 42 -2.17 6.56 16.53
CA GLY A 42 -1.16 6.70 15.52
C GLY A 42 -1.42 5.95 14.23
N GLN A 43 -2.29 4.95 14.26
CA GLN A 43 -2.62 4.19 13.06
C GLN A 43 -3.77 4.85 12.31
N GLY A 44 -4.21 4.21 11.23
CA GLY A 44 -5.31 4.69 10.43
C GLY A 44 -6.64 4.14 10.89
N LEU A 45 -7.63 4.25 10.02
CA LEU A 45 -8.98 3.77 10.30
C LEU A 45 -9.09 2.30 9.93
N GLU A 46 -9.86 1.57 10.73
CA GLU A 46 -10.04 0.13 10.54
C GLU A 46 -11.54 -0.20 10.66
N TRP A 47 -12.15 -0.57 9.54
CA TRP A 47 -13.56 -0.92 9.54
C TRP A 47 -13.79 -2.26 10.22
N MET A 48 -14.82 -2.31 11.08
CA MET A 48 -15.13 -3.50 11.85
C MET A 48 -16.39 -4.21 11.36
N GLY A 49 -17.49 -3.50 11.21
CA GLY A 49 -18.71 -4.13 10.73
C GLY A 49 -19.86 -3.16 10.73
N TRP A 50 -20.96 -3.61 10.15
CA TRP A 50 -22.22 -2.85 10.11
C TRP A 50 -23.35 -3.75 10.60
N ILE A 51 -24.50 -3.13 10.87
CA ILE A 51 -25.68 -3.83 11.36
C ILE A 51 -26.92 -3.19 10.76
N ASN A 52 -27.87 -4.02 10.35
CA ASN A 52 -29.14 -3.52 9.83
C ASN A 52 -30.06 -3.18 10.99
N PRO A 53 -30.50 -1.92 11.13
CA PRO A 53 -31.43 -1.60 12.22
C PRO A 53 -32.76 -2.33 12.13
N LYS A 54 -33.24 -2.63 10.91
CA LYS A 54 -34.54 -3.27 10.76
C LYS A 54 -34.53 -4.71 11.27
N SER A 55 -33.70 -5.56 10.67
CA SER A 55 -33.69 -6.97 11.01
C SER A 55 -32.72 -7.30 12.13
N GLY A 56 -31.59 -6.61 12.22
CA GLY A 56 -30.59 -6.88 13.22
C GLY A 56 -29.47 -7.79 12.76
N GLY A 57 -29.45 -8.20 11.50
CA GLY A 57 -28.41 -9.06 10.98
C GLY A 57 -27.18 -8.29 10.56
N PRO A 58 -26.08 -8.47 11.30
CA PRO A 58 -24.86 -7.71 11.02
C PRO A 58 -23.92 -8.41 10.05
N ASN A 59 -22.81 -7.75 9.73
CA ASN A 59 -21.76 -8.34 8.91
C ASN A 59 -20.42 -7.87 9.47
N TYR A 60 -19.62 -8.80 9.97
CA TYR A 60 -18.36 -8.48 10.62
C TYR A 60 -17.18 -8.72 9.68
N ALA A 61 -16.09 -7.99 9.92
CA ALA A 61 -14.84 -8.27 9.23
C ALA A 61 -14.26 -9.57 9.74
N GLN A 62 -13.46 -10.22 8.88
CA GLN A 62 -12.92 -11.53 9.22
C GLN A 62 -11.95 -11.46 10.40
N LYS A 63 -11.31 -10.31 10.60
CA LYS A 63 -10.40 -10.18 11.75
C LYS A 63 -11.15 -10.23 13.07
N PHE A 64 -12.32 -9.59 13.14
CA PHE A 64 -13.10 -9.51 14.37
C PHE A 64 -14.19 -10.57 14.45
N GLN A 65 -14.31 -11.45 13.45
CA GLN A 65 -15.36 -12.46 13.46
C GLN A 65 -15.17 -13.40 14.64
N GLY A 66 -16.24 -13.64 15.38
CA GLY A 66 -16.19 -14.46 16.58
C GLY A 66 -15.87 -13.71 17.85
N ARG A 67 -15.50 -12.43 17.76
CA ARG A 67 -15.22 -11.61 18.94
C ARG A 67 -16.10 -10.40 19.07
N VAL A 68 -16.84 -10.01 18.03
CA VAL A 68 -17.65 -8.80 18.02
C VAL A 68 -19.12 -9.18 17.90
N THR A 69 -19.96 -8.50 18.66
CA THR A 69 -21.41 -8.67 18.61
C THR A 69 -22.05 -7.29 18.55
N MET A 70 -22.69 -6.98 17.42
CA MET A 70 -23.32 -5.69 17.20
C MET A 70 -24.83 -5.86 17.29
N THR A 71 -25.45 -5.16 18.24
CA THR A 71 -26.88 -5.18 18.45
C THR A 71 -27.43 -3.77 18.30
N ARG A 72 -28.76 -3.64 18.43
CA ARG A 72 -29.40 -2.33 18.35
C ARG A 72 -30.70 -2.38 19.13
N ASP A 73 -31.17 -1.19 19.50
CA ASP A 73 -32.45 -1.03 20.20
C ASP A 73 -33.21 0.07 19.48
N ARG A 74 -34.20 -0.32 18.67
CA ARG A 74 -34.94 0.64 17.87
C ARG A 74 -35.80 1.57 18.72
N SER A 75 -36.12 1.18 19.96
CA SER A 75 -36.94 2.04 20.81
C SER A 75 -36.20 3.31 21.19
N ILE A 76 -34.91 3.20 21.50
CA ILE A 76 -34.10 4.35 21.90
C ILE A 76 -33.12 4.79 20.83
N SER A 77 -33.15 4.15 19.66
CA SER A 77 -32.25 4.49 18.55
C SER A 77 -30.79 4.42 18.97
N THR A 78 -30.43 3.36 19.71
CA THR A 78 -29.07 3.17 20.21
C THR A 78 -28.50 1.87 19.67
N ALA A 79 -27.33 1.95 19.08
CA ALA A 79 -26.61 0.79 18.58
C ALA A 79 -25.49 0.41 19.55
N TYR A 80 -25.19 -0.88 19.61
CA TYR A 80 -24.22 -1.41 20.56
C TYR A 80 -23.16 -2.22 19.85
N MET A 81 -21.95 -2.17 20.38
CA MET A 81 -20.82 -2.96 19.87
C MET A 81 -20.11 -3.59 21.05
N GLU A 82 -20.00 -4.91 21.05
CA GLU A 82 -19.39 -5.66 22.14
C GLU A 82 -18.21 -6.46 21.60
N LEU A 83 -17.00 -6.12 22.05
CA LEU A 83 -15.80 -6.83 21.66
C LEU A 83 -15.29 -7.63 22.86
N ARG A 84 -15.03 -8.92 22.64
CA ARG A 84 -14.57 -9.82 23.67
C ARG A 84 -13.15 -10.28 23.38
N GLY A 85 -12.52 -10.87 24.39
CA GLY A 85 -11.15 -11.33 24.26
C GLY A 85 -10.20 -10.18 23.97
N LEU A 86 -10.35 -9.08 24.71
CA LEU A 86 -9.57 -7.88 24.46
C LEU A 86 -8.08 -8.16 24.62
N ARG A 87 -7.29 -7.70 23.66
CA ARG A 87 -5.84 -7.84 23.67
C ARG A 87 -5.20 -6.48 23.93
N SER A 88 -3.88 -6.51 24.14
CA SER A 88 -3.15 -5.26 24.38
C SER A 88 -3.20 -4.34 23.17
N ASP A 89 -3.29 -4.91 21.97
CA ASP A 89 -3.36 -4.12 20.75
C ASP A 89 -4.77 -3.70 20.37
N ASP A 90 -5.77 -4.00 21.20
CA ASP A 90 -7.13 -3.56 20.98
C ASP A 90 -7.39 -2.16 21.52
N THR A 91 -6.38 -1.51 22.09
CA THR A 91 -6.53 -0.14 22.57
C THR A 91 -6.71 0.79 21.38
N ALA A 92 -7.90 1.37 21.25
CA ALA A 92 -8.20 2.23 20.11
C ALA A 92 -9.41 3.09 20.45
N ILE A 93 -9.63 4.11 19.61
CA ILE A 93 -10.82 4.94 19.69
C ILE A 93 -11.87 4.32 18.77
N TYR A 94 -13.02 3.98 19.33
CA TYR A 94 -14.08 3.30 18.59
C TYR A 94 -15.18 4.29 18.24
N TYR A 95 -15.36 4.55 16.95
CA TYR A 95 -16.37 5.45 16.46
C TYR A 95 -17.58 4.69 15.93
N CYS A 96 -18.69 5.40 15.77
CA CYS A 96 -19.85 4.89 15.04
C CYS A 96 -20.18 5.90 13.94
N ALA A 97 -20.27 5.40 12.71
CA ALA A 97 -20.48 6.24 11.54
C ALA A 97 -21.76 5.83 10.82
N ARG A 98 -22.52 6.83 10.37
CA ARG A 98 -23.77 6.59 9.67
C ARG A 98 -23.60 6.93 8.20
N PRO A 99 -23.66 5.95 7.29
CA PRO A 99 -23.64 6.27 5.87
C PRO A 99 -24.87 7.09 5.47
N MET A 100 -24.67 7.98 4.51
CA MET A 100 -25.73 8.86 4.04
C MET A 100 -26.53 8.18 2.94
N HIS A 101 -27.73 8.70 2.70
CA HIS A 101 -28.52 8.25 1.56
C HIS A 101 -27.81 8.61 0.27
N ASP A 102 -27.66 7.63 -0.62
CA ASP A 102 -26.87 7.79 -1.83
C ASP A 102 -27.75 7.59 -3.05
N TYR A 103 -27.43 8.34 -4.11
CA TYR A 103 -28.16 8.22 -5.37
C TYR A 103 -27.97 6.83 -5.98
N ASP A 104 -26.77 6.28 -5.88
CA ASP A 104 -26.46 4.95 -6.39
C ASP A 104 -26.67 3.86 -5.36
N ASP A 105 -27.26 4.18 -4.21
CA ASP A 105 -27.51 3.23 -3.13
C ASP A 105 -26.21 2.62 -2.60
N HIS A 106 -25.12 3.37 -2.68
CA HIS A 106 -23.83 2.95 -2.13
C HIS A 106 -23.72 3.55 -0.74
N ASP A 107 -24.21 2.81 0.26
CA ASP A 107 -24.29 3.31 1.63
C ASP A 107 -22.97 3.03 2.35
N TRP A 108 -21.93 3.74 1.90
CA TRP A 108 -20.61 3.67 2.52
C TRP A 108 -19.96 5.03 2.68
N TYR A 109 -20.64 6.12 2.30
CA TYR A 109 -20.12 7.47 2.46
C TYR A 109 -20.52 7.97 3.83
N PHE A 110 -19.62 7.80 4.81
CA PHE A 110 -19.89 8.16 6.20
C PHE A 110 -19.81 9.67 6.35
N ASP A 111 -20.96 10.33 6.37
CA ASP A 111 -21.03 11.77 6.55
C ASP A 111 -21.30 12.19 7.99
N LEU A 112 -21.83 11.28 8.82
CA LEU A 112 -22.10 11.56 10.22
C LEU A 112 -21.24 10.64 11.07
N TRP A 113 -20.56 11.21 12.06
CA TRP A 113 -19.64 10.47 12.90
C TRP A 113 -19.88 10.81 14.37
N GLY A 114 -19.56 9.86 15.24
CA GLY A 114 -19.56 10.11 16.67
C GLY A 114 -18.20 10.59 17.15
N ARG A 115 -18.20 11.14 18.37
CA ARG A 115 -16.96 11.64 18.95
C ARG A 115 -15.99 10.55 19.33
N GLY A 116 -16.41 9.29 19.31
CA GLY A 116 -15.54 8.18 19.61
C GLY A 116 -15.52 7.83 21.09
N THR A 117 -15.16 6.58 21.37
CA THR A 117 -15.07 6.05 22.73
C THR A 117 -13.68 5.48 22.93
N LEU A 118 -12.97 5.99 23.94
CA LEU A 118 -11.62 5.52 24.25
C LEU A 118 -11.71 4.21 25.02
N VAL A 119 -11.15 3.15 24.45
CA VAL A 119 -11.10 1.84 25.09
C VAL A 119 -9.62 1.50 25.27
N THR A 120 -9.17 1.42 26.52
CA THR A 120 -7.78 1.14 26.84
C THR A 120 -7.71 -0.22 27.51
N VAL A 121 -6.89 -1.12 26.95
CA VAL A 121 -6.72 -2.47 27.47
C VAL A 121 -5.33 -2.55 28.06
N SER A 122 -5.25 -2.73 29.37
CA SER A 122 -3.96 -2.80 30.06
C SER A 122 -4.10 -3.67 31.30
N SER A 123 -2.99 -4.31 31.68
CA SER A 123 -2.91 -5.10 32.89
C SER A 123 -2.29 -4.32 34.05
N ALA A 124 -2.35 -3.00 34.00
CA ALA A 124 -1.74 -2.14 34.99
C ALA A 124 -2.78 -1.52 35.91
N SER A 125 -2.31 -1.09 37.08
CA SER A 125 -3.14 -0.42 38.07
C SER A 125 -2.76 1.05 38.14
N THR A 126 -3.71 1.87 38.59
CA THR A 126 -3.49 3.32 38.65
C THR A 126 -2.32 3.64 39.56
N LYS A 127 -1.41 4.50 39.08
CA LYS A 127 -0.25 4.90 39.84
C LYS A 127 0.00 6.39 39.65
N GLY A 128 0.50 7.03 40.70
CA GLY A 128 0.83 8.43 40.65
C GLY A 128 2.13 8.68 39.91
N PRO A 129 2.21 9.78 39.17
CA PRO A 129 3.43 10.08 38.42
C PRO A 129 4.60 10.38 39.35
N SER A 130 5.78 9.93 38.94
CA SER A 130 7.03 10.26 39.61
C SER A 130 7.73 11.34 38.80
N VAL A 131 7.91 12.51 39.41
CA VAL A 131 8.42 13.69 38.71
C VAL A 131 9.85 13.92 39.16
N PHE A 132 10.78 13.96 38.20
CA PHE A 132 12.18 14.17 38.46
C PHE A 132 12.67 15.43 37.74
N PRO A 133 13.67 16.13 38.28
CA PRO A 133 14.11 17.38 37.67
C PRO A 133 15.15 17.18 36.57
N LEU A 134 14.97 17.94 35.48
CA LEU A 134 15.97 18.05 34.42
C LEU A 134 16.76 19.32 34.69
N ALA A 135 17.71 19.23 35.61
CA ALA A 135 18.40 20.40 36.11
C ALA A 135 19.26 21.04 35.02
N PRO A 136 19.13 22.34 34.78
CA PRO A 136 20.02 22.99 33.81
C PRO A 136 21.43 23.07 34.35
N SER A 137 22.40 22.95 33.43
CA SER A 137 23.81 22.97 33.79
C SER A 137 24.61 23.34 32.54
N SER A 138 25.92 23.12 32.60
CA SER A 138 26.77 23.39 31.45
C SER A 138 26.45 22.49 30.27
N LYS A 139 25.77 21.36 30.51
CA LYS A 139 25.36 20.47 29.44
C LYS A 139 24.06 20.89 28.78
N SER A 140 23.44 21.97 29.24
CA SER A 140 22.22 22.48 28.64
C SER A 140 22.26 23.99 28.42
N THR A 141 23.43 24.62 28.59
CA THR A 141 23.60 26.06 28.36
C THR A 141 24.50 26.24 27.14
N SER A 142 23.91 26.68 26.04
CA SER A 142 24.63 26.86 24.78
C SER A 142 24.44 28.31 24.32
N GLY A 143 25.41 29.15 24.64
CA GLY A 143 25.40 30.53 24.19
C GLY A 143 24.24 31.36 24.69
N GLY A 144 24.09 31.47 26.01
CA GLY A 144 23.08 32.31 26.61
C GLY A 144 21.70 31.72 26.68
N THR A 145 21.51 30.48 26.24
CA THR A 145 20.22 29.81 26.29
C THR A 145 20.35 28.55 27.14
N ALA A 146 19.45 28.40 28.12
CA ALA A 146 19.47 27.27 29.04
C ALA A 146 18.22 26.42 28.83
N ALA A 147 18.38 25.12 29.02
CA ALA A 147 17.31 24.15 28.86
C ALA A 147 17.09 23.41 30.18
N LEU A 148 15.81 23.27 30.56
CA LEU A 148 15.45 22.55 31.77
C LEU A 148 14.05 21.98 31.59
N GLY A 149 13.71 21.01 32.43
CA GLY A 149 12.40 20.40 32.32
C GLY A 149 12.11 19.48 33.47
N CYS A 150 11.04 18.70 33.30
CA CYS A 150 10.62 17.70 34.27
C CYS A 150 10.34 16.38 33.56
N LEU A 151 10.68 15.28 34.21
CA LEU A 151 10.44 13.94 33.69
C LEU A 151 9.27 13.33 34.44
N VAL A 152 8.14 13.18 33.76
CA VAL A 152 6.94 12.56 34.34
C VAL A 152 6.98 11.09 33.94
N LYS A 153 7.41 10.24 34.86
CA LYS A 153 7.67 8.83 34.58
C LYS A 153 6.82 7.95 35.48
N ASP A 154 6.42 6.79 34.94
CA ASP A 154 5.73 5.75 35.69
C ASP A 154 4.40 6.25 36.27
N TYR A 155 3.48 6.59 35.37
CA TYR A 155 2.13 6.95 35.76
C TYR A 155 1.13 6.22 34.88
N PHE A 156 -0.07 6.02 35.41
CA PHE A 156 -1.12 5.31 34.70
C PHE A 156 -2.46 5.66 35.34
N PRO A 157 -3.52 5.87 34.54
CA PRO A 157 -3.54 5.91 33.08
C PRO A 157 -3.39 7.33 32.53
N GLU A 158 -3.65 7.52 31.24
CA GLU A 158 -3.69 8.85 30.67
C GLU A 158 -4.91 9.61 31.18
N PRO A 159 -4.87 10.95 31.15
CA PRO A 159 -3.76 11.82 30.76
C PRO A 159 -3.11 12.54 31.94
N VAL A 160 -2.08 13.34 31.66
CA VAL A 160 -1.52 14.27 32.62
C VAL A 160 -1.40 15.63 31.96
N THR A 161 -1.49 16.68 32.77
CA THR A 161 -1.34 18.05 32.30
C THR A 161 -0.17 18.71 33.03
N VAL A 162 0.75 19.28 32.27
CA VAL A 162 1.96 19.89 32.82
C VAL A 162 1.96 21.37 32.45
N SER A 163 2.19 22.22 33.43
CA SER A 163 2.38 23.66 33.21
C SER A 163 3.66 24.10 33.89
N TRP A 164 4.02 25.36 33.69
CA TRP A 164 5.21 25.94 34.28
C TRP A 164 4.88 27.27 34.92
N ASN A 165 5.39 27.47 36.14
CA ASN A 165 5.15 28.70 36.91
C ASN A 165 3.66 28.99 37.03
N SER A 166 2.88 27.93 37.26
CA SER A 166 1.43 28.04 37.42
C SER A 166 0.78 28.68 36.20
N GLY A 167 1.30 28.36 35.02
CA GLY A 167 0.78 28.89 33.78
C GLY A 167 1.34 30.23 33.38
N ALA A 168 2.21 30.84 34.19
CA ALA A 168 2.79 32.13 33.83
C ALA A 168 3.83 32.00 32.73
N LEU A 169 4.50 30.84 32.66
CA LEU A 169 5.51 30.59 31.65
C LEU A 169 4.93 29.70 30.56
N THR A 170 4.85 30.25 29.34
CA THR A 170 4.30 29.52 28.20
C THR A 170 5.19 29.55 26.96
N SER A 171 6.08 30.53 26.83
CA SER A 171 6.90 30.63 25.62
C SER A 171 7.99 29.57 25.63
N GLY A 172 8.15 28.89 24.50
CA GLY A 172 9.17 27.86 24.36
C GLY A 172 8.98 26.67 25.27
N VAL A 173 7.74 26.24 25.49
CA VAL A 173 7.42 25.10 26.35
C VAL A 173 6.95 23.97 25.45
N HIS A 174 7.61 22.82 25.54
CA HIS A 174 7.26 21.64 24.74
C HIS A 174 7.02 20.46 25.68
N THR A 175 5.76 20.04 25.77
CA THR A 175 5.39 18.85 26.54
C THR A 175 5.20 17.70 25.55
N PHE A 176 6.05 16.69 25.63
CA PHE A 176 6.05 15.62 24.66
C PHE A 176 4.89 14.66 24.90
N PRO A 177 4.39 14.02 23.84
CA PRO A 177 3.37 12.98 24.03
C PRO A 177 3.93 11.82 24.84
N ALA A 178 3.06 11.20 25.63
CA ALA A 178 3.47 10.10 26.47
C ALA A 178 3.77 8.86 25.64
N VAL A 179 4.76 8.09 26.07
CA VAL A 179 5.12 6.82 25.46
C VAL A 179 4.82 5.71 26.44
N LEU A 180 4.27 4.61 25.94
CA LEU A 180 3.93 3.47 26.79
C LEU A 180 5.16 2.61 26.99
N GLN A 181 5.64 2.53 28.22
CA GLN A 181 6.86 1.79 28.53
C GLN A 181 6.58 0.30 28.58
N SER A 182 7.66 -0.49 28.67
CA SER A 182 7.55 -1.94 28.73
C SER A 182 6.84 -2.40 30.01
N SER A 183 6.82 -1.57 31.04
CA SER A 183 6.14 -1.90 32.29
C SER A 183 4.64 -1.61 32.24
N GLY A 184 4.14 -1.08 31.12
CA GLY A 184 2.74 -0.72 31.02
C GLY A 184 2.40 0.67 31.55
N LEU A 185 3.40 1.43 31.98
CA LEU A 185 3.18 2.76 32.53
C LEU A 185 3.65 3.81 31.53
N TYR A 186 2.83 4.86 31.36
CA TYR A 186 3.19 5.95 30.46
C TYR A 186 4.29 6.81 31.08
N SER A 187 5.03 7.48 30.21
CA SER A 187 6.12 8.36 30.65
C SER A 187 6.36 9.42 29.58
N LEU A 188 6.23 10.68 29.97
CA LEU A 188 6.54 11.81 29.09
C LEU A 188 7.48 12.76 29.82
N SER A 189 7.78 13.88 29.17
CA SER A 189 8.61 14.92 29.75
C SER A 189 8.25 16.25 29.13
N SER A 190 8.30 17.30 29.94
CA SER A 190 8.04 18.66 29.48
C SER A 190 9.32 19.48 29.65
N VAL A 191 9.63 20.29 28.64
CA VAL A 191 10.86 21.07 28.61
C VAL A 191 10.53 22.52 28.32
N VAL A 192 11.47 23.40 28.64
CA VAL A 192 11.35 24.83 28.38
C VAL A 192 12.74 25.43 28.28
N THR A 193 12.91 26.37 27.38
CA THR A 193 14.17 27.08 27.20
C THR A 193 14.03 28.49 27.75
N VAL A 194 14.95 28.88 28.64
CA VAL A 194 14.93 30.19 29.28
C VAL A 194 16.32 30.79 29.20
N PRO A 195 16.44 32.11 29.28
CA PRO A 195 17.77 32.73 29.31
C PRO A 195 18.59 32.21 30.48
N SER A 196 19.87 31.94 30.21
CA SER A 196 20.75 31.42 31.24
C SER A 196 21.10 32.47 32.30
N SER A 197 20.85 33.74 32.01
CA SER A 197 21.11 34.78 33.00
C SER A 197 20.11 34.74 34.15
N SER A 198 18.90 34.24 33.89
CA SER A 198 17.85 34.19 34.88
C SER A 198 17.81 32.89 35.67
N LEU A 199 18.78 31.99 35.45
CA LEU A 199 18.81 30.74 36.22
C LEU A 199 19.02 31.00 37.70
N GLY A 200 19.93 31.91 38.04
CA GLY A 200 20.23 32.19 39.43
C GLY A 200 19.25 33.10 40.14
N THR A 201 18.32 33.72 39.41
CA THR A 201 17.36 34.63 40.00
C THR A 201 15.93 34.12 39.90
N GLN A 202 15.48 33.76 38.70
CA GLN A 202 14.12 33.29 38.50
C GLN A 202 14.00 31.82 38.90
N THR A 203 12.90 31.48 39.56
CA THR A 203 12.60 30.11 39.96
C THR A 203 11.63 29.49 38.97
N TYR A 204 11.87 28.22 38.65
CA TYR A 204 11.06 27.48 37.69
C TYR A 204 10.48 26.23 38.33
N ILE A 205 9.16 26.09 38.25
CA ILE A 205 8.45 24.96 38.85
C ILE A 205 7.49 24.38 37.80
N CYS A 206 7.56 23.07 37.61
CA CYS A 206 6.62 22.38 36.74
C CYS A 206 5.46 21.83 37.57
N ASN A 207 4.27 21.86 36.98
CA ASN A 207 3.03 21.50 37.68
C ASN A 207 2.37 20.34 36.96
N VAL A 208 2.62 19.12 37.44
CA VAL A 208 2.05 17.92 36.86
C VAL A 208 0.77 17.57 37.60
N ASN A 209 -0.34 17.44 36.88
CA ASN A 209 -1.63 17.09 37.45
C ASN A 209 -2.11 15.78 36.85
N HIS A 210 -2.39 14.81 37.71
CA HIS A 210 -2.89 13.50 37.31
C HIS A 210 -4.25 13.30 37.97
N LYS A 211 -5.29 13.80 37.31
CA LYS A 211 -6.63 13.70 37.87
C LYS A 211 -7.10 12.27 38.14
N PRO A 212 -6.82 11.27 37.28
CA PRO A 212 -7.25 9.90 37.63
C PRO A 212 -6.77 9.41 38.98
N SER A 213 -5.56 9.76 39.39
CA SER A 213 -5.06 9.41 40.71
C SER A 213 -5.25 10.53 41.73
N ASN A 214 -5.85 11.65 41.32
CA ASN A 214 -6.09 12.80 42.22
C ASN A 214 -4.79 13.28 42.86
N THR A 215 -3.69 13.19 42.10
CA THR A 215 -2.37 13.60 42.58
C THR A 215 -1.90 14.81 41.78
N LYS A 216 -1.41 15.83 42.48
CA LYS A 216 -0.91 17.05 41.86
C LYS A 216 0.48 17.33 42.42
N VAL A 217 1.50 17.09 41.60
CA VAL A 217 2.89 17.24 42.02
C VAL A 217 3.44 18.54 41.44
N ASP A 218 4.08 19.34 42.29
CA ASP A 218 4.82 20.52 41.88
C ASP A 218 6.29 20.29 42.18
N LYS A 219 7.14 20.43 41.17
CA LYS A 219 8.56 20.16 41.29
C LYS A 219 9.34 21.40 40.91
N ARG A 220 10.30 21.78 41.76
CA ARG A 220 11.14 22.96 41.53
C ARG A 220 12.45 22.51 40.91
N VAL A 221 12.75 23.04 39.73
CA VAL A 221 13.98 22.68 39.00
C VAL A 221 15.06 23.65 39.44
N GLU A 222 15.94 23.20 40.33
CA GLU A 222 17.05 24.04 40.79
C GLU A 222 18.28 23.79 39.94
N PRO A 223 18.91 24.83 39.41
CA PRO A 223 20.07 24.64 38.53
C PRO A 223 21.24 23.98 39.24
N LYS A 224 21.97 23.17 38.48
CA LYS A 224 23.21 22.57 38.93
C LYS A 224 24.37 23.54 38.71
N SER A 225 25.52 23.24 39.32
CA SER A 225 26.72 24.04 39.14
C SER A 225 27.70 23.47 38.13
N CYS A 226 27.57 22.19 37.80
CA CYS A 226 28.47 21.56 36.83
C CYS A 226 28.02 21.85 35.40
N SER B 2 -10.60 -4.50 -2.01
CA SER B 2 -9.53 -3.69 -2.57
C SER B 2 -8.56 -3.24 -1.47
N VAL B 3 -7.34 -2.92 -1.88
CA VAL B 3 -6.30 -2.41 -1.00
C VAL B 3 -6.00 -0.97 -1.41
N LEU B 4 -6.12 -0.05 -0.46
CA LEU B 4 -5.94 1.37 -0.72
C LEU B 4 -4.59 1.83 -0.20
N THR B 5 -3.81 2.45 -1.08
CA THR B 5 -2.50 2.99 -0.73
C THR B 5 -2.47 4.47 -1.06
N GLN B 6 -1.94 5.28 -0.14
CA GLN B 6 -1.87 6.72 -0.32
C GLN B 6 -0.41 7.18 -0.29
N SER B 7 -0.10 8.18 -1.10
CA SER B 7 1.24 8.75 -1.12
C SER B 7 1.14 10.20 -1.58
N PRO B 8 2.00 11.08 -1.08
CA PRO B 8 3.00 10.85 -0.03
C PRO B 8 2.34 10.89 1.35
N GLY B 9 2.83 10.12 2.32
CA GLY B 9 2.27 10.21 3.65
C GLY B 9 2.68 11.45 4.42
N THR B 10 3.66 12.20 3.90
CA THR B 10 4.09 13.46 4.50
C THR B 10 4.28 14.45 3.35
N LEU B 11 3.23 15.18 3.02
CA LEU B 11 3.24 16.18 1.96
C LEU B 11 3.43 17.54 2.59
N SER B 12 4.67 18.01 2.66
CA SER B 12 5.02 19.28 3.28
C SER B 12 4.96 20.38 2.23
N LEU B 13 3.99 21.29 2.37
CA LEU B 13 3.79 22.38 1.43
C LEU B 13 3.52 23.66 2.21
N SER B 14 3.96 24.78 1.64
CA SER B 14 3.70 26.08 2.23
C SER B 14 2.22 26.44 2.08
N PRO B 15 1.69 27.25 2.99
CA PRO B 15 0.30 27.70 2.84
C PRO B 15 0.12 28.53 1.57
N GLY B 16 -1.03 28.35 0.93
CA GLY B 16 -1.38 29.14 -0.22
C GLY B 16 -1.06 28.54 -1.58
N GLU B 17 -0.51 27.33 -1.63
CA GLU B 17 -0.15 26.70 -2.88
C GLU B 17 -0.96 25.42 -3.08
N ARG B 18 -0.92 24.91 -4.31
CA ARG B 18 -1.70 23.73 -4.66
C ARG B 18 -1.14 22.47 -4.00
N ALA B 19 -2.05 21.66 -3.44
CA ALA B 19 -1.70 20.39 -2.83
C ALA B 19 -2.39 19.26 -3.60
N THR B 20 -1.62 18.25 -3.99
CA THR B 20 -2.15 17.10 -4.72
C THR B 20 -1.88 15.84 -3.92
N LEU B 21 -2.91 15.05 -3.69
CA LEU B 21 -2.84 13.79 -2.95
C LEU B 21 -3.16 12.64 -3.89
N SER B 22 -2.78 11.44 -3.47
CA SER B 22 -2.95 10.25 -4.30
C SER B 22 -3.56 9.12 -3.49
N CYS B 23 -4.36 8.30 -4.17
CA CYS B 23 -4.99 7.12 -3.59
C CYS B 23 -5.08 6.06 -4.68
N ARG B 24 -4.47 4.92 -4.43
CA ARG B 24 -4.46 3.85 -5.45
C ARG B 24 -5.33 2.70 -4.96
N ALA B 25 -6.39 2.42 -5.70
CA ALA B 25 -7.27 1.30 -5.34
C ALA B 25 -6.97 0.17 -6.30
N SER B 26 -5.83 -0.46 -6.13
CA SER B 26 -5.42 -1.47 -7.12
C SER B 26 -6.26 -2.72 -6.96
N GLN B 27 -6.50 -3.15 -5.72
CA GLN B 27 -7.19 -4.45 -5.58
C GLN B 27 -8.69 -4.28 -5.85
N THR B 28 -9.06 -3.38 -6.76
CA THR B 28 -10.49 -3.26 -7.11
C THR B 28 -10.67 -3.25 -8.62
N VAL B 29 -11.93 -3.29 -9.05
CA VAL B 29 -12.23 -3.21 -10.50
C VAL B 29 -11.95 -1.79 -10.93
N GLY B 30 -12.92 -0.92 -10.71
CA GLY B 30 -12.77 0.50 -11.04
C GLY B 30 -13.82 1.18 -10.22
N SER B 31 -14.45 0.39 -9.34
CA SER B 31 -15.53 0.90 -8.48
C SER B 31 -15.33 2.38 -8.16
N SER B 32 -15.86 3.27 -9.00
CA SER B 32 -15.70 4.71 -8.77
C SER B 32 -16.51 5.11 -7.54
N TYR B 33 -16.56 4.23 -6.56
CA TYR B 33 -17.26 4.54 -5.30
C TYR B 33 -16.23 4.90 -4.25
N LEU B 34 -15.35 5.87 -4.55
CA LEU B 34 -14.28 6.23 -3.59
C LEU B 34 -14.75 7.43 -2.78
N ALA B 35 -14.06 7.70 -1.69
CA ALA B 35 -14.42 8.83 -0.81
C ALA B 35 -13.17 9.43 -0.20
N TRP B 36 -13.27 10.68 0.23
CA TRP B 36 -12.14 11.37 0.83
C TRP B 36 -12.56 11.97 2.16
N TYR B 37 -11.65 11.95 3.13
CA TYR B 37 -11.94 12.42 4.47
C TYR B 37 -10.77 13.26 4.99
N GLN B 38 -11.08 14.16 5.92
CA GLN B 38 -10.08 14.95 6.62
C GLN B 38 -10.25 14.73 8.12
N GLN B 39 -9.15 14.43 8.80
CA GLN B 39 -9.18 14.21 10.24
C GLN B 39 -8.14 15.09 10.92
N LYS B 40 -8.57 15.79 11.97
CA LYS B 40 -7.72 16.59 12.83
C LYS B 40 -7.56 15.89 14.17
N PRO B 41 -6.45 16.12 14.89
CA PRO B 41 -6.23 15.40 16.15
C PRO B 41 -7.35 15.68 17.15
N GLY B 42 -7.76 14.62 17.84
CA GLY B 42 -8.86 14.72 18.78
C GLY B 42 -10.22 14.84 18.16
N GLN B 43 -10.35 14.62 16.85
CA GLN B 43 -11.60 14.78 16.13
C GLN B 43 -11.85 13.58 15.24
N ALA B 44 -13.13 13.33 14.96
CA ALA B 44 -13.54 12.30 14.03
C ALA B 44 -13.35 12.77 12.59
N PRO B 45 -13.17 11.85 11.64
CA PRO B 45 -13.02 12.24 10.24
C PRO B 45 -14.26 12.96 9.73
N ARG B 46 -14.03 13.90 8.82
CA ARG B 46 -15.09 14.69 8.19
C ARG B 46 -15.08 14.41 6.70
N LEU B 47 -16.25 14.09 6.15
CA LEU B 47 -16.33 13.73 4.73
C LEU B 47 -16.12 14.97 3.86
N LEU B 48 -15.28 14.81 2.83
CA LEU B 48 -14.98 15.88 1.89
C LEU B 48 -15.51 15.60 0.50
N ILE B 49 -15.15 14.46 -0.09
CA ILE B 49 -15.56 14.08 -1.43
C ILE B 49 -16.27 12.74 -1.35
N TYR B 50 -17.46 12.66 -1.95
CA TYR B 50 -18.16 11.40 -2.12
C TYR B 50 -18.26 11.09 -3.60
N GLY B 51 -18.08 9.83 -3.95
CA GLY B 51 -18.00 9.48 -5.35
C GLY B 51 -16.65 9.87 -5.93
N ALA B 52 -16.59 9.86 -7.26
CA ALA B 52 -15.35 10.17 -7.95
C ALA B 52 -14.95 11.63 -7.76
N SER B 53 -15.89 12.55 -7.98
CA SER B 53 -15.57 13.98 -7.96
C SER B 53 -16.62 14.85 -7.28
N SER B 54 -17.66 14.28 -6.70
CA SER B 54 -18.74 15.08 -6.13
C SER B 54 -18.32 15.63 -4.77
N ARG B 55 -18.52 16.92 -4.56
CA ARG B 55 -18.20 17.56 -3.29
C ARG B 55 -19.33 17.33 -2.29
N ALA B 56 -18.95 17.01 -1.05
CA ALA B 56 -19.92 16.87 0.01
C ALA B 56 -20.48 18.24 0.40
N THR B 57 -21.67 18.22 0.99
CA THR B 57 -22.32 19.47 1.38
C THR B 57 -21.51 20.18 2.45
N GLY B 58 -21.35 21.49 2.28
CA GLY B 58 -20.58 22.31 3.20
C GLY B 58 -19.09 22.32 2.97
N ILE B 59 -18.59 21.62 1.96
CA ILE B 59 -17.17 21.58 1.66
C ILE B 59 -16.82 22.73 0.73
N PRO B 60 -15.81 23.53 1.05
CA PRO B 60 -15.46 24.67 0.18
C PRO B 60 -14.98 24.22 -1.19
N ASP B 61 -15.01 25.16 -2.13
CA ASP B 61 -14.72 24.85 -3.53
C ASP B 61 -13.28 24.40 -3.75
N ARG B 62 -12.36 24.76 -2.87
CA ARG B 62 -10.95 24.42 -3.08
C ARG B 62 -10.70 22.92 -3.06
N PHE B 63 -11.60 22.14 -2.45
CA PHE B 63 -11.47 20.69 -2.42
C PHE B 63 -12.14 20.08 -3.64
N SER B 64 -11.44 19.17 -4.30
CA SER B 64 -11.97 18.49 -5.48
C SER B 64 -11.26 17.17 -5.66
N GLY B 65 -11.94 16.24 -6.33
CA GLY B 65 -11.38 14.92 -6.57
C GLY B 65 -11.52 14.52 -8.02
N SER B 66 -10.73 13.52 -8.40
CA SER B 66 -10.78 12.95 -9.74
C SER B 66 -10.19 11.55 -9.67
N GLY B 67 -10.43 10.77 -10.72
CA GLY B 67 -9.92 9.41 -10.75
C GLY B 67 -9.95 8.82 -12.15
N SER B 68 -9.11 7.79 -12.33
CA SER B 68 -9.05 7.06 -13.60
C SER B 68 -8.70 5.61 -13.29
N GLY B 69 -9.73 4.78 -13.11
CA GLY B 69 -9.57 3.35 -12.97
C GLY B 69 -9.02 2.89 -11.65
N THR B 70 -7.73 3.11 -11.43
CA THR B 70 -7.06 2.72 -10.20
C THR B 70 -6.40 3.88 -9.46
N ASP B 71 -6.08 4.97 -10.16
CA ASP B 71 -5.40 6.11 -9.57
C ASP B 71 -6.40 7.24 -9.35
N PHE B 72 -6.45 7.77 -8.14
CA PHE B 72 -7.35 8.84 -7.76
C PHE B 72 -6.57 9.94 -7.06
N THR B 73 -7.03 11.18 -7.21
CA THR B 73 -6.34 12.33 -6.65
C THR B 73 -7.32 13.26 -5.96
N LEU B 74 -6.95 13.72 -4.76
CA LEU B 74 -7.64 14.78 -4.06
C LEU B 74 -6.76 16.02 -4.11
N THR B 75 -7.27 17.09 -4.71
CA THR B 75 -6.49 18.30 -4.95
C THR B 75 -7.12 19.47 -4.22
N ILE B 76 -6.30 20.22 -3.50
CA ILE B 76 -6.70 21.47 -2.86
C ILE B 76 -6.03 22.61 -3.62
N SER B 77 -6.86 23.48 -4.22
CA SER B 77 -6.32 24.53 -5.09
C SER B 77 -5.41 25.48 -4.32
N ARG B 78 -5.84 25.91 -3.14
CA ARG B 78 -5.05 26.79 -2.30
C ARG B 78 -5.11 26.29 -0.86
N LEU B 79 -3.96 26.19 -0.21
CA LEU B 79 -3.88 25.63 1.14
C LEU B 79 -4.22 26.71 2.16
N GLU B 80 -5.33 26.53 2.85
CA GLU B 80 -5.70 27.39 3.97
C GLU B 80 -5.02 26.90 5.24
N PRO B 81 -4.91 27.76 6.27
CA PRO B 81 -4.27 27.32 7.52
C PRO B 81 -4.94 26.14 8.17
N GLU B 82 -6.25 25.97 7.99
CA GLU B 82 -6.98 24.87 8.59
C GLU B 82 -6.98 23.61 7.75
N ASP B 83 -6.29 23.61 6.60
CA ASP B 83 -6.24 22.46 5.72
C ASP B 83 -5.06 21.54 5.99
N PHE B 84 -4.21 21.86 6.97
CA PHE B 84 -3.04 21.03 7.28
C PHE B 84 -3.46 19.96 8.28
N ALA B 85 -3.84 18.80 7.75
CA ALA B 85 -4.30 17.69 8.57
C ALA B 85 -4.06 16.39 7.80
N VAL B 86 -4.47 15.28 8.40
CA VAL B 86 -4.36 13.96 7.79
C VAL B 86 -5.60 13.70 6.94
N TYR B 87 -5.41 13.00 5.83
CA TYR B 87 -6.48 12.69 4.90
C TYR B 87 -6.47 11.20 4.59
N TYR B 88 -7.67 10.62 4.53
CA TYR B 88 -7.84 9.20 4.22
C TYR B 88 -8.80 9.05 3.05
N CYS B 89 -8.57 8.01 2.25
CA CYS B 89 -9.48 7.63 1.18
C CYS B 89 -10.10 6.28 1.50
N GLN B 90 -11.36 6.11 1.09
CA GLN B 90 -12.15 4.94 1.45
C GLN B 90 -12.87 4.39 0.22
N GLN B 91 -12.76 3.08 0.01
CA GLN B 91 -13.53 2.38 -1.00
C GLN B 91 -14.20 1.19 -0.31
N TYR B 92 -15.53 1.22 -0.24
CA TYR B 92 -16.32 0.24 0.51
C TYR B 92 -15.82 0.26 1.95
N GLU B 93 -15.23 -0.81 2.47
CA GLU B 93 -14.76 -0.85 3.85
C GLU B 93 -13.25 -0.67 3.98
N ALA B 94 -12.54 -0.50 2.87
CA ALA B 94 -11.10 -0.36 2.90
C ALA B 94 -10.71 1.10 3.11
N PHE B 95 -9.65 1.30 3.91
CA PHE B 95 -9.11 2.63 4.18
C PHE B 95 -7.63 2.66 3.83
N GLY B 96 -7.19 3.79 3.28
CA GLY B 96 -5.78 3.97 3.00
C GLY B 96 -4.98 4.29 4.24
N GLN B 97 -3.66 4.21 4.11
CA GLN B 97 -2.79 4.49 5.25
C GLN B 97 -2.81 5.95 5.67
N GLY B 98 -3.18 6.85 4.77
CA GLY B 98 -3.34 8.25 5.11
C GLY B 98 -2.21 9.11 4.55
N THR B 99 -2.52 10.39 4.41
CA THR B 99 -1.57 11.40 3.93
C THR B 99 -1.65 12.60 4.86
N LYS B 100 -0.51 12.99 5.42
CA LYS B 100 -0.44 14.12 6.35
C LYS B 100 0.08 15.34 5.60
N VAL B 101 -0.72 16.41 5.59
CA VAL B 101 -0.32 17.67 4.98
C VAL B 101 0.35 18.52 6.06
N GLU B 102 1.57 18.96 5.78
CA GLU B 102 2.41 19.63 6.77
C GLU B 102 2.87 20.97 6.21
N ILE B 103 3.02 21.95 7.12
CA ILE B 103 3.51 23.26 6.72
C ILE B 103 4.99 23.15 6.38
N LYS B 104 5.36 23.68 5.21
CA LYS B 104 6.74 23.63 4.76
C LYS B 104 7.48 24.90 5.19
N ARG B 105 8.68 24.73 5.73
CA ARG B 105 9.50 25.83 6.21
C ARG B 105 10.96 25.54 5.87
N THR B 106 11.80 26.55 6.10
CA THR B 106 13.23 26.40 5.87
C THR B 106 13.82 25.37 6.83
N VAL B 107 14.89 24.71 6.38
CA VAL B 107 15.52 23.68 7.19
C VAL B 107 16.12 24.29 8.45
N ALA B 108 15.83 23.68 9.59
CA ALA B 108 16.34 24.14 10.88
C ALA B 108 17.07 23.00 11.58
N ALA B 109 18.26 23.29 12.09
CA ALA B 109 19.02 22.29 12.82
C ALA B 109 18.53 22.20 14.26
N PRO B 110 18.48 21.01 14.84
CA PRO B 110 18.01 20.88 16.23
C PRO B 110 19.01 21.44 17.22
N SER B 111 18.49 21.92 18.34
CA SER B 111 19.32 22.33 19.48
C SER B 111 19.43 21.11 20.40
N VAL B 112 20.57 20.44 20.36
CA VAL B 112 20.75 19.17 21.05
C VAL B 112 21.17 19.44 22.49
N PHE B 113 20.35 18.99 23.43
CA PHE B 113 20.67 19.04 24.85
C PHE B 113 20.65 17.63 25.42
N ILE B 114 21.41 17.42 26.48
CA ILE B 114 21.48 16.12 27.15
C ILE B 114 21.35 16.34 28.65
N PHE B 115 20.59 15.46 29.30
CA PHE B 115 20.33 15.56 30.74
C PHE B 115 20.73 14.25 31.42
N PRO B 116 21.69 14.27 32.34
CA PRO B 116 22.02 13.05 33.09
C PRO B 116 20.88 12.69 34.03
N PRO B 117 20.80 11.44 34.46
CA PRO B 117 19.77 11.06 35.44
C PRO B 117 19.91 11.87 36.72
N SER B 118 18.77 12.30 37.27
CA SER B 118 18.78 13.06 38.50
C SER B 118 19.19 12.19 39.68
N ASP B 119 19.83 12.83 40.66
CA ASP B 119 20.23 12.10 41.86
C ASP B 119 19.03 11.52 42.59
N GLU B 120 17.89 12.21 42.54
CA GLU B 120 16.68 11.70 43.17
C GLU B 120 16.23 10.39 42.53
N GLN B 121 16.28 10.32 41.19
CA GLN B 121 15.85 9.11 40.51
C GLN B 121 16.80 7.96 40.74
N LEU B 122 18.09 8.24 40.90
CA LEU B 122 19.07 7.17 41.12
C LEU B 122 18.81 6.46 42.45
N LYS B 123 18.20 7.15 43.41
CA LYS B 123 17.90 6.52 44.70
C LYS B 123 16.83 5.44 44.60
N SER B 124 15.99 5.49 43.57
CA SER B 124 14.96 4.49 43.37
C SER B 124 15.42 3.32 42.51
N GLY B 125 16.69 3.30 42.10
CA GLY B 125 17.22 2.21 41.30
C GLY B 125 16.99 2.32 39.81
N THR B 126 16.48 3.45 39.33
CA THR B 126 16.22 3.66 37.91
C THR B 126 16.98 4.89 37.43
N ALA B 127 17.58 4.76 36.24
CA ALA B 127 18.32 5.85 35.62
C ALA B 127 17.71 6.15 34.26
N SER B 128 17.45 7.43 34.00
CA SER B 128 16.91 7.87 32.72
C SER B 128 17.74 9.03 32.19
N VAL B 129 18.18 8.91 30.94
CA VAL B 129 18.97 9.95 30.27
C VAL B 129 18.13 10.50 29.14
N VAL B 130 17.97 11.83 29.10
CA VAL B 130 17.08 12.50 28.16
C VAL B 130 17.91 13.24 27.13
N CYS B 131 17.65 12.98 25.85
CA CYS B 131 18.25 13.70 24.74
C CYS B 131 17.16 14.57 24.12
N LEU B 132 17.40 15.87 24.06
CA LEU B 132 16.41 16.83 23.62
C LEU B 132 16.80 17.44 22.28
N LEU B 133 15.90 17.37 21.31
CA LEU B 133 16.04 18.04 20.03
C LEU B 133 14.98 19.14 19.97
N ASN B 134 15.43 20.39 19.83
CA ASN B 134 14.56 21.54 20.00
C ASN B 134 14.45 22.32 18.69
N ASN B 135 13.23 22.46 18.17
CA ASN B 135 12.89 23.36 17.08
C ASN B 135 13.75 23.09 15.84
N PHE B 136 13.55 21.91 15.27
CA PHE B 136 14.21 21.52 14.04
C PHE B 136 13.19 21.24 12.95
N TYR B 137 13.70 20.99 11.74
CA TYR B 137 12.87 20.70 10.57
C TYR B 137 13.77 20.12 9.50
N PRO B 138 13.32 19.11 8.75
CA PRO B 138 12.02 18.44 8.82
C PRO B 138 11.94 17.44 9.98
N ARG B 139 10.83 16.70 10.08
CA ARG B 139 10.64 15.78 11.19
C ARG B 139 11.65 14.64 11.20
N GLU B 140 12.24 14.32 10.05
CA GLU B 140 13.18 13.20 9.98
C GLU B 140 14.45 13.53 10.76
N ALA B 141 14.88 12.59 11.60
CA ALA B 141 16.09 12.72 12.40
C ALA B 141 16.41 11.35 13.00
N LYS B 142 17.70 11.04 13.09
CA LYS B 142 18.17 9.77 13.64
C LYS B 142 18.94 10.05 14.92
N VAL B 143 18.43 9.57 16.05
CA VAL B 143 19.08 9.71 17.34
C VAL B 143 19.57 8.34 17.78
N GLN B 144 20.86 8.25 18.09
CA GLN B 144 21.49 6.99 18.48
C GLN B 144 22.20 7.19 19.81
N TRP B 145 21.95 6.28 20.76
CA TRP B 145 22.58 6.35 22.06
C TRP B 145 23.86 5.52 22.06
N LYS B 146 24.95 6.13 22.54
CA LYS B 146 26.24 5.46 22.65
C LYS B 146 26.72 5.56 24.09
N VAL B 147 26.99 4.41 24.71
CA VAL B 147 27.47 4.33 26.08
C VAL B 147 28.88 3.76 26.02
N ASP B 148 29.86 4.55 26.42
CA ASP B 148 31.28 4.18 26.30
C ASP B 148 31.61 3.77 24.87
N ASN B 149 31.15 4.59 23.93
CA ASN B 149 31.37 4.37 22.50
C ASN B 149 30.83 3.02 22.05
N ALA B 150 29.67 2.63 22.59
CA ALA B 150 28.99 1.40 22.19
C ALA B 150 27.54 1.73 21.89
N LEU B 151 27.10 1.42 20.68
CA LEU B 151 25.74 1.72 20.26
C LEU B 151 24.74 0.87 21.03
N GLN B 152 23.68 1.50 21.51
CA GLN B 152 22.63 0.83 22.28
C GLN B 152 21.47 0.46 21.36
N SER B 153 20.66 -0.50 21.83
CA SER B 153 19.55 -1.01 21.04
C SER B 153 18.46 -1.53 21.95
N GLY B 154 17.23 -1.05 21.74
CA GLY B 154 16.06 -1.57 22.41
C GLY B 154 15.82 -1.04 23.80
N ASN B 155 16.67 -0.17 24.32
CA ASN B 155 16.53 0.39 25.66
C ASN B 155 16.23 1.88 25.64
N SER B 156 15.56 2.35 24.60
CA SER B 156 15.25 3.77 24.48
C SER B 156 13.93 3.95 23.75
N GLN B 157 13.25 5.06 24.04
CA GLN B 157 12.00 5.42 23.40
C GLN B 157 12.05 6.89 23.02
N GLU B 158 11.28 7.27 22.01
CA GLU B 158 11.28 8.64 21.53
C GLU B 158 9.87 9.08 21.17
N SER B 159 9.57 10.35 21.44
CA SER B 159 8.30 10.96 21.10
C SER B 159 8.54 12.31 20.48
N VAL B 160 7.61 12.76 19.64
CA VAL B 160 7.75 13.98 18.86
C VAL B 160 6.53 14.86 19.10
N THR B 161 6.78 16.14 19.36
CA THR B 161 5.69 17.10 19.45
C THR B 161 5.13 17.41 18.06
N GLU B 162 3.95 18.02 18.05
CA GLU B 162 3.37 18.48 16.80
C GLU B 162 4.09 19.73 16.32
N GLN B 163 3.77 20.15 15.10
CA GLN B 163 4.33 21.39 14.57
C GLN B 163 3.92 22.55 15.46
N ASP B 164 4.91 23.34 15.89
CA ASP B 164 4.64 24.48 16.75
C ASP B 164 3.82 25.52 15.98
N SER B 165 2.87 26.14 16.69
CA SER B 165 1.97 27.09 16.05
C SER B 165 2.69 28.35 15.57
N LYS B 166 3.87 28.64 16.10
CA LYS B 166 4.58 29.87 15.75
C LYS B 166 5.58 29.66 14.61
N ASP B 167 6.56 28.78 14.82
CA ASP B 167 7.64 28.59 13.86
C ASP B 167 7.51 27.31 13.04
N SER B 168 6.45 26.52 13.27
CA SER B 168 6.16 25.32 12.48
C SER B 168 7.31 24.32 12.54
N THR B 169 7.96 24.22 13.70
CA THR B 169 9.08 23.31 13.90
C THR B 169 8.66 22.12 14.76
N TYR B 170 9.54 21.13 14.81
CA TYR B 170 9.32 19.91 15.58
C TYR B 170 10.32 19.81 16.71
N SER B 171 9.88 19.20 17.81
CA SER B 171 10.75 18.89 18.95
C SER B 171 10.66 17.40 19.22
N LEU B 172 11.81 16.77 19.43
CA LEU B 172 11.90 15.33 19.63
C LEU B 172 12.60 15.04 20.94
N SER B 173 12.00 14.17 21.74
CA SER B 173 12.60 13.65 22.96
C SER B 173 13.06 12.22 22.74
N SER B 174 14.17 11.86 23.38
CA SER B 174 14.71 10.51 23.30
C SER B 174 15.21 10.12 24.69
N THR B 175 14.51 9.20 25.34
CA THR B 175 14.82 8.80 26.71
C THR B 175 15.48 7.43 26.70
N LEU B 176 16.64 7.33 27.34
CA LEU B 176 17.36 6.08 27.53
C LEU B 176 17.11 5.59 28.94
N THR B 177 16.50 4.42 29.07
CA THR B 177 16.11 3.87 30.37
C THR B 177 17.04 2.72 30.73
N LEU B 178 17.68 2.81 31.89
CA LEU B 178 18.59 1.79 32.38
C LEU B 178 18.37 1.59 33.87
N SER B 179 19.06 0.61 34.42
CA SER B 179 19.04 0.37 35.85
C SER B 179 20.18 1.14 36.53
N LYS B 180 20.10 1.22 37.87
CA LYS B 180 21.16 1.89 38.62
C LYS B 180 22.49 1.15 38.47
N ALA B 181 22.46 -0.19 38.53
CA ALA B 181 23.69 -0.96 38.43
C ALA B 181 24.36 -0.77 37.07
N ASP B 182 23.57 -0.78 36.00
CA ASP B 182 24.14 -0.60 34.67
C ASP B 182 24.62 0.83 34.46
N TYR B 183 23.94 1.81 35.07
CA TYR B 183 24.35 3.19 34.91
C TYR B 183 25.66 3.48 35.64
N GLU B 184 25.92 2.79 36.75
CA GLU B 184 27.12 3.04 37.54
C GLU B 184 28.38 2.41 36.94
N LYS B 185 28.24 1.53 35.96
CA LYS B 185 29.38 0.81 35.39
C LYS B 185 29.90 1.44 34.10
N HIS B 186 29.42 2.63 33.74
CA HIS B 186 29.90 3.32 32.55
C HIS B 186 30.04 4.80 32.86
N LYS B 187 30.97 5.46 32.18
CA LYS B 187 31.25 6.87 32.39
C LYS B 187 30.61 7.76 31.33
N VAL B 188 30.93 7.52 30.06
CA VAL B 188 30.55 8.43 28.98
C VAL B 188 29.20 8.02 28.41
N TYR B 189 28.27 8.98 28.36
CA TYR B 189 26.96 8.80 27.76
C TYR B 189 26.74 9.90 26.72
N ALA B 190 26.20 9.52 25.57
CA ALA B 190 26.00 10.49 24.49
C ALA B 190 24.88 10.04 23.58
N CYS B 191 24.24 11.01 22.92
CA CYS B 191 23.28 10.76 21.87
C CYS B 191 23.74 11.47 20.60
N GLU B 192 23.76 10.75 19.49
CA GLU B 192 24.23 11.27 18.21
C GLU B 192 23.02 11.61 17.35
N VAL B 193 22.79 12.89 17.13
CA VAL B 193 21.70 13.36 16.29
C VAL B 193 22.22 13.56 14.87
N THR B 194 21.63 12.86 13.92
CA THR B 194 22.04 12.90 12.52
C THR B 194 20.90 13.43 11.67
N GLN B 195 21.19 14.47 10.88
CA GLN B 195 20.19 15.07 10.01
C GLN B 195 20.91 15.77 8.85
N GLY B 196 20.80 15.20 7.66
CA GLY B 196 21.33 15.82 6.47
C GLY B 196 22.83 16.05 6.51
N THR B 197 23.60 14.97 6.48
CA THR B 197 25.07 15.01 6.44
C THR B 197 25.66 15.78 7.62
N THR B 198 24.96 15.77 8.76
CA THR B 198 25.44 16.41 9.98
C THR B 198 25.17 15.49 11.15
N SER B 199 26.16 15.32 12.03
CA SER B 199 26.03 14.43 13.18
C SER B 199 26.59 15.14 14.41
N VAL B 200 25.71 15.77 15.18
CA VAL B 200 26.08 16.43 16.42
C VAL B 200 25.93 15.44 17.56
N THR B 201 26.97 15.32 18.39
CA THR B 201 27.01 14.37 19.50
C THR B 201 27.27 15.13 20.79
N LYS B 202 26.26 15.18 21.66
CA LYS B 202 26.39 15.77 22.99
C LYS B 202 26.62 14.66 24.01
N SER B 203 27.65 14.82 24.83
CA SER B 203 28.08 13.77 25.75
C SER B 203 28.30 14.34 27.14
N PHE B 204 28.42 13.44 28.11
CA PHE B 204 28.77 13.80 29.48
C PHE B 204 29.40 12.58 30.14
N ASN B 205 30.04 12.83 31.29
CA ASN B 205 30.60 11.79 32.14
C ASN B 205 29.75 11.68 33.41
N ARG B 206 29.55 10.44 33.89
CA ARG B 206 28.55 10.18 34.92
C ARG B 206 28.87 10.94 36.20
N GLY B 207 29.96 10.57 36.86
CA GLY B 207 30.57 11.48 37.80
C GLY B 207 31.06 12.71 37.08
N GLU B 208 31.14 13.82 37.81
CA GLU B 208 31.38 15.15 37.22
C GLU B 208 30.17 15.57 36.39
N VAL C 2 29.95 -13.43 -15.97
CA VAL C 2 28.89 -13.08 -15.03
C VAL C 2 27.53 -13.46 -15.61
N GLN C 3 26.94 -14.53 -15.08
CA GLN C 3 25.67 -15.03 -15.59
C GLN C 3 25.00 -15.87 -14.51
N LEU C 4 23.69 -16.09 -14.68
CA LEU C 4 22.91 -16.94 -13.79
C LEU C 4 21.95 -17.75 -14.64
N VAL C 5 22.25 -19.03 -14.81
CA VAL C 5 21.40 -19.94 -15.57
C VAL C 5 20.55 -20.74 -14.59
N GLN C 6 19.32 -21.05 -15.00
CA GLN C 6 18.38 -21.77 -14.16
C GLN C 6 17.86 -23.00 -14.89
N SER C 7 17.16 -23.85 -14.14
CA SER C 7 16.60 -25.07 -14.72
C SER C 7 15.43 -24.72 -15.62
N GLY C 8 15.08 -25.68 -16.49
CA GLY C 8 13.99 -25.49 -17.42
C GLY C 8 12.63 -25.51 -16.73
N ALA C 9 11.62 -25.10 -17.50
CA ALA C 9 10.27 -25.04 -16.97
C ALA C 9 9.74 -26.44 -16.67
N GLU C 10 8.93 -26.54 -15.61
CA GLU C 10 8.37 -27.80 -15.17
C GLU C 10 6.88 -27.63 -14.90
N VAL C 11 6.16 -28.75 -14.95
CA VAL C 11 4.74 -28.79 -14.65
C VAL C 11 4.51 -29.86 -13.59
N LYS C 12 3.79 -29.50 -12.53
CA LYS C 12 3.56 -30.40 -11.40
C LYS C 12 2.09 -30.42 -11.02
N GLN C 13 1.64 -31.57 -10.56
CA GLN C 13 0.28 -31.71 -10.06
C GLN C 13 0.15 -31.03 -8.70
N PRO C 14 -1.06 -30.63 -8.33
CA PRO C 14 -1.26 -30.06 -6.97
C PRO C 14 -0.88 -31.07 -5.90
N GLY C 15 -0.23 -30.57 -4.85
CA GLY C 15 0.25 -31.40 -3.77
C GLY C 15 1.62 -32.01 -3.99
N ALA C 16 2.20 -31.84 -5.17
CA ALA C 16 3.51 -32.40 -5.48
C ALA C 16 4.60 -31.42 -5.05
N SER C 17 5.84 -31.69 -5.46
CA SER C 17 6.97 -30.85 -5.14
C SER C 17 7.81 -30.62 -6.39
N VAL C 18 8.54 -29.51 -6.41
CA VAL C 18 9.38 -29.12 -7.54
C VAL C 18 10.69 -28.57 -7.00
N LYS C 19 11.79 -28.92 -7.67
CA LYS C 19 13.12 -28.45 -7.31
C LYS C 19 13.71 -27.69 -8.50
N VAL C 20 14.21 -26.48 -8.25
CA VAL C 20 14.72 -25.59 -9.28
C VAL C 20 16.18 -25.28 -8.98
N SER C 21 17.03 -25.43 -9.98
CA SER C 21 18.47 -25.17 -9.84
C SER C 21 18.83 -23.80 -10.39
N CYS C 22 19.99 -23.30 -9.96
CA CYS C 22 20.48 -21.98 -10.36
C CYS C 22 22.01 -22.03 -10.31
N LYS C 23 22.64 -22.24 -11.46
CA LYS C 23 24.09 -22.33 -11.53
C LYS C 23 24.69 -20.95 -11.79
N ALA C 24 25.75 -20.64 -11.05
CA ALA C 24 26.40 -19.34 -11.10
C ALA C 24 27.69 -19.42 -11.90
N SER C 25 27.94 -18.38 -12.71
CA SER C 25 29.16 -18.30 -13.51
C SER C 25 29.66 -16.88 -13.51
N GLY C 26 30.98 -16.73 -13.70
CA GLY C 26 31.60 -15.43 -13.81
C GLY C 26 31.93 -14.74 -12.51
N TYR C 27 31.69 -15.39 -11.36
CA TYR C 27 32.00 -14.77 -10.08
C TYR C 27 32.16 -15.88 -9.04
N THR C 28 32.68 -15.49 -7.88
CA THR C 28 32.87 -16.42 -6.77
C THR C 28 31.53 -16.70 -6.10
N PHE C 29 31.10 -17.97 -6.15
CA PHE C 29 29.77 -18.33 -5.69
C PHE C 29 29.60 -18.08 -4.19
N SER C 30 30.63 -18.39 -3.41
CA SER C 30 30.51 -18.35 -1.95
C SER C 30 30.57 -16.95 -1.36
N ASP C 31 30.98 -15.96 -2.13
CA ASP C 31 31.14 -14.61 -1.60
C ASP C 31 29.83 -13.83 -1.53
N HIS C 32 28.77 -14.31 -2.17
CA HIS C 32 27.49 -13.61 -2.19
C HIS C 32 26.37 -14.57 -1.84
N PHE C 33 25.35 -14.05 -1.16
CA PHE C 33 24.17 -14.84 -0.87
C PHE C 33 23.36 -15.09 -2.14
N MET C 34 22.46 -16.07 -2.07
CA MET C 34 21.58 -16.41 -3.19
C MET C 34 20.14 -16.29 -2.71
N HIS C 35 19.41 -15.34 -3.28
CA HIS C 35 18.01 -15.10 -2.93
C HIS C 35 17.09 -15.66 -4.00
N TRP C 36 15.88 -16.02 -3.59
CA TRP C 36 14.86 -16.56 -4.48
C TRP C 36 13.62 -15.69 -4.39
N VAL C 37 13.17 -15.18 -5.54
CA VAL C 37 11.98 -14.35 -5.62
C VAL C 37 11.10 -14.88 -6.74
N ARG C 38 9.84 -15.13 -6.43
CA ARG C 38 8.86 -15.59 -7.42
C ARG C 38 7.94 -14.45 -7.81
N GLN C 39 7.38 -14.55 -9.01
CA GLN C 39 6.46 -13.54 -9.53
C GLN C 39 5.28 -14.25 -10.19
N ALA C 40 4.10 -14.09 -9.59
CA ALA C 40 2.89 -14.64 -10.18
C ALA C 40 2.56 -13.89 -11.48
N PRO C 41 1.86 -14.55 -12.42
CA PRO C 41 1.50 -13.87 -13.66
C PRO C 41 0.61 -12.67 -13.42
N GLY C 42 1.14 -11.48 -13.69
CA GLY C 42 0.42 -10.24 -13.47
C GLY C 42 0.66 -9.59 -12.13
N GLN C 43 1.18 -10.33 -11.15
CA GLN C 43 1.46 -9.78 -9.83
C GLN C 43 2.87 -9.21 -9.78
N GLY C 44 3.27 -8.74 -8.60
CA GLY C 44 4.59 -8.19 -8.39
C GLY C 44 5.59 -9.23 -7.97
N LEU C 45 6.68 -8.77 -7.36
CA LEU C 45 7.74 -9.64 -6.90
C LEU C 45 7.47 -10.06 -5.45
N GLU C 46 7.80 -11.30 -5.13
CA GLU C 46 7.57 -11.87 -3.80
C GLU C 46 8.84 -12.56 -3.33
N TRP C 47 9.51 -11.97 -2.34
CA TRP C 47 10.72 -12.54 -1.80
C TRP C 47 10.40 -13.81 -1.01
N MET C 48 11.21 -14.85 -1.22
CA MET C 48 11.00 -16.15 -0.58
C MET C 48 12.04 -16.46 0.48
N GLY C 49 13.32 -16.28 0.18
CA GLY C 49 14.35 -16.56 1.16
C GLY C 49 15.73 -16.49 0.55
N TRP C 50 16.72 -16.54 1.42
CA TRP C 50 18.13 -16.57 1.04
C TRP C 50 18.82 -17.72 1.74
N ILE C 51 20.04 -18.03 1.29
CA ILE C 51 20.83 -19.12 1.85
C ILE C 51 22.30 -18.70 1.84
N ASN C 52 23.00 -19.02 2.92
CA ASN C 52 24.44 -18.76 3.00
C ASN C 52 25.20 -19.85 2.25
N PRO C 53 25.97 -19.52 1.22
CA PRO C 53 26.75 -20.56 0.53
C PRO C 53 27.78 -21.24 1.41
N LYS C 54 28.35 -20.51 2.38
CA LYS C 54 29.41 -21.08 3.22
C LYS C 54 28.84 -22.15 4.15
N SER C 55 27.94 -21.76 5.05
CA SER C 55 27.42 -22.67 6.06
C SER C 55 26.24 -23.48 5.57
N GLY C 56 25.38 -22.90 4.74
CA GLY C 56 24.18 -23.56 4.28
C GLY C 56 22.93 -23.27 5.07
N GLY C 57 23.00 -22.39 6.07
CA GLY C 57 21.86 -22.04 6.88
C GLY C 57 21.02 -20.95 6.23
N PRO C 58 19.82 -21.32 5.80
CA PRO C 58 18.97 -20.35 5.09
C PRO C 58 18.04 -19.57 6.00
N ASN C 59 17.27 -18.66 5.43
CA ASN C 59 16.24 -17.91 6.16
C ASN C 59 15.05 -17.74 5.23
N TYR C 60 13.93 -18.36 5.56
CA TYR C 60 12.75 -18.35 4.72
C TYR C 60 11.75 -17.30 5.20
N ALA C 61 10.88 -16.89 4.29
CA ALA C 61 9.75 -16.05 4.67
C ALA C 61 8.72 -16.88 5.42
N GLN C 62 7.94 -16.20 6.27
CA GLN C 62 6.99 -16.91 7.11
C GLN C 62 5.87 -17.56 6.29
N LYS C 63 5.57 -17.01 5.11
CA LYS C 63 4.54 -17.61 4.26
C LYS C 63 4.99 -18.97 3.74
N PHE C 64 6.25 -19.10 3.35
CA PHE C 64 6.78 -20.33 2.79
C PHE C 64 7.44 -21.23 3.81
N GLN C 65 7.50 -20.82 5.08
CA GLN C 65 8.16 -21.61 6.10
C GLN C 65 7.45 -22.95 6.27
N GLY C 66 8.22 -24.03 6.19
CA GLY C 66 7.71 -25.37 6.26
C GLY C 66 7.46 -26.05 4.92
N ARG C 67 7.42 -25.26 3.84
CA ARG C 67 7.23 -25.81 2.50
C ARG C 67 8.40 -25.58 1.56
N VAL C 68 9.41 -24.82 1.96
CA VAL C 68 10.54 -24.48 1.10
C VAL C 68 11.82 -25.00 1.74
N THR C 69 12.71 -25.54 0.92
CA THR C 69 14.02 -25.99 1.36
C THR C 69 15.05 -25.54 0.33
N MET C 70 15.97 -24.69 0.77
CA MET C 70 17.01 -24.13 -0.09
C MET C 70 18.35 -24.75 0.28
N THR C 71 18.98 -25.40 -0.69
CA THR C 71 20.29 -26.02 -0.52
C THR C 71 21.26 -25.42 -1.53
N ARG C 72 22.51 -25.88 -1.48
CA ARG C 72 23.53 -25.41 -2.40
C ARG C 72 24.59 -26.48 -2.55
N ASP C 73 25.34 -26.39 -3.64
CA ASP C 73 26.46 -27.29 -3.93
C ASP C 73 27.65 -26.43 -4.35
N ARG C 74 28.59 -26.23 -3.43
CA ARG C 74 29.73 -25.35 -3.70
C ARG C 74 30.66 -25.91 -4.76
N SER C 75 30.62 -27.22 -5.01
CA SER C 75 31.49 -27.81 -6.03
C SER C 75 31.13 -27.32 -7.43
N ILE C 76 29.82 -27.23 -7.73
CA ILE C 76 29.35 -26.81 -9.05
C ILE C 76 28.76 -25.41 -9.02
N SER C 77 28.79 -24.72 -7.87
CA SER C 77 28.24 -23.37 -7.74
C SER C 77 26.78 -23.31 -8.16
N THR C 78 26.00 -24.28 -7.71
CA THR C 78 24.59 -24.38 -8.04
C THR C 78 23.76 -24.33 -6.77
N ALA C 79 22.76 -23.45 -6.74
CA ALA C 79 21.83 -23.33 -5.63
C ALA C 79 20.49 -23.94 -6.01
N TYR C 80 19.82 -24.54 -5.04
CA TYR C 80 18.58 -25.27 -5.28
C TYR C 80 17.46 -24.71 -4.41
N MET C 81 16.24 -24.74 -4.97
CA MET C 81 15.04 -24.31 -4.26
C MET C 81 13.97 -25.37 -4.47
N GLU C 82 13.55 -25.99 -3.37
CA GLU C 82 12.54 -27.05 -3.39
C GLU C 82 11.29 -26.57 -2.68
N LEU C 83 10.18 -26.52 -3.40
CA LEU C 83 8.89 -26.12 -2.83
C LEU C 83 7.95 -27.32 -2.87
N ARG C 84 7.39 -27.65 -1.71
CA ARG C 84 6.50 -28.79 -1.56
C ARG C 84 5.09 -28.31 -1.25
N GLY C 85 4.12 -29.22 -1.40
CA GLY C 85 2.73 -28.89 -1.18
C GLY C 85 2.25 -27.82 -2.14
N LEU C 86 2.57 -28.00 -3.42
CA LEU C 86 2.26 -26.99 -4.43
C LEU C 86 0.75 -26.80 -4.55
N ARG C 87 0.34 -25.54 -4.58
CA ARG C 87 -1.07 -25.16 -4.72
C ARG C 87 -1.31 -24.57 -6.10
N SER C 88 -2.57 -24.32 -6.41
CA SER C 88 -2.92 -23.72 -7.69
C SER C 88 -2.33 -22.32 -7.82
N ASP C 89 -2.34 -21.55 -6.73
CA ASP C 89 -1.80 -20.20 -6.73
C ASP C 89 -0.28 -20.16 -6.59
N ASP C 90 0.39 -21.29 -6.66
CA ASP C 90 1.85 -21.34 -6.64
C ASP C 90 2.45 -21.23 -8.05
N THR C 91 1.63 -21.06 -9.07
CA THR C 91 2.13 -20.90 -10.43
C THR C 91 2.79 -19.53 -10.56
N ALA C 92 4.11 -19.52 -10.80
CA ALA C 92 4.86 -18.27 -10.87
C ALA C 92 6.19 -18.52 -11.55
N ILE C 93 6.85 -17.44 -11.93
CA ILE C 93 8.20 -17.48 -12.45
C ILE C 93 9.16 -17.32 -11.29
N TYR C 94 10.00 -18.32 -11.05
CA TYR C 94 10.90 -18.35 -9.91
C TYR C 94 12.30 -17.95 -10.38
N TYR C 95 12.75 -16.78 -9.93
CA TYR C 95 14.08 -16.27 -10.26
C TYR C 95 15.06 -16.57 -9.14
N CYS C 96 16.34 -16.45 -9.46
CA CYS C 96 17.41 -16.43 -8.46
C CYS C 96 18.23 -15.17 -8.67
N ALA C 97 18.37 -14.36 -7.61
CA ALA C 97 19.05 -13.08 -7.68
C ALA C 97 20.22 -13.06 -6.72
N ARG C 98 21.34 -12.49 -7.18
CA ARG C 98 22.55 -12.39 -6.38
C ARG C 98 22.76 -10.95 -5.93
N PRO C 99 22.68 -10.66 -4.63
CA PRO C 99 23.01 -9.31 -4.16
C PRO C 99 24.47 -8.98 -4.41
N MET C 100 24.73 -7.72 -4.70
CA MET C 100 26.07 -7.25 -4.99
C MET C 100 26.81 -6.88 -3.70
N HIS C 101 28.13 -6.80 -3.80
CA HIS C 101 28.93 -6.27 -2.70
C HIS C 101 28.57 -4.81 -2.46
N ASP C 102 28.33 -4.46 -1.20
CA ASP C 102 27.86 -3.14 -0.84
C ASP C 102 28.83 -2.46 0.11
N TYR C 103 28.94 -1.14 -0.03
CA TYR C 103 29.80 -0.37 0.86
C TYR C 103 29.31 -0.42 2.30
N ASP C 104 28.00 -0.38 2.49
CA ASP C 104 27.39 -0.46 3.81
C ASP C 104 27.06 -1.88 4.23
N ASP C 105 27.53 -2.88 3.47
CA ASP C 105 27.29 -4.30 3.75
C ASP C 105 25.80 -4.62 3.77
N HIS C 106 25.02 -3.92 2.96
CA HIS C 106 23.58 -4.18 2.81
C HIS C 106 23.42 -5.03 1.55
N ASP C 107 23.49 -6.35 1.73
CA ASP C 107 23.46 -7.29 0.62
C ASP C 107 22.01 -7.61 0.24
N TRP C 108 21.33 -6.59 -0.28
CA TRP C 108 19.97 -6.74 -0.77
C TRP C 108 19.74 -6.05 -2.11
N TYR C 109 20.77 -5.45 -2.70
CA TYR C 109 20.67 -4.79 -4.00
C TYR C 109 20.96 -5.85 -5.06
N PHE C 110 19.90 -6.48 -5.56
CA PHE C 110 20.03 -7.56 -6.53
C PHE C 110 20.40 -6.97 -7.88
N ASP C 111 21.68 -7.05 -8.24
CA ASP C 111 22.15 -6.56 -9.52
C ASP C 111 22.28 -7.66 -10.57
N LEU C 112 22.32 -8.92 -10.16
CA LEU C 112 22.40 -10.05 -11.07
C LEU C 112 21.17 -10.92 -10.90
N TRP C 113 20.53 -11.28 -12.01
CA TRP C 113 19.30 -12.04 -12.00
C TRP C 113 19.38 -13.19 -12.99
N GLY C 114 18.64 -14.25 -12.70
CA GLY C 114 18.47 -15.33 -13.65
C GLY C 114 17.25 -15.11 -14.55
N ARG C 115 17.20 -15.89 -15.63
CA ARG C 115 16.09 -15.76 -16.57
C ARG C 115 14.78 -16.28 -16.03
N GLY C 116 14.79 -16.96 -14.88
CA GLY C 116 13.58 -17.44 -14.27
C GLY C 116 13.18 -18.82 -14.76
N THR C 117 12.41 -19.52 -13.92
CA THR C 117 11.93 -20.86 -14.22
C THR C 117 10.41 -20.86 -14.08
N LEU C 118 9.73 -21.26 -15.15
CA LEU C 118 8.27 -21.33 -15.13
C LEU C 118 7.83 -22.60 -14.42
N VAL C 119 7.03 -22.44 -13.37
CA VAL C 119 6.50 -23.56 -12.60
C VAL C 119 4.98 -23.44 -12.64
N THR C 120 4.34 -24.31 -13.42
CA THR C 120 2.89 -24.30 -13.58
C THR C 120 2.29 -25.45 -12.79
N VAL C 121 1.27 -25.15 -11.98
CA VAL C 121 0.60 -26.14 -11.15
C VAL C 121 -0.85 -26.23 -11.62
N SER C 122 -1.20 -27.42 -12.12
CA SER C 122 -2.57 -27.69 -12.61
C SER C 122 -2.90 -29.16 -12.52
N SER C 123 -4.18 -29.46 -12.33
CA SER C 123 -4.63 -30.86 -12.24
C SER C 123 -4.98 -31.34 -13.63
N ALA C 124 -4.26 -30.86 -14.64
CA ALA C 124 -4.82 -30.76 -16.00
C ALA C 124 -4.09 -31.68 -16.96
N SER C 125 -4.74 -32.05 -18.04
CA SER C 125 -4.15 -33.03 -18.98
C SER C 125 -4.00 -32.42 -20.37
N THR C 126 -2.82 -32.52 -20.95
CA THR C 126 -2.56 -31.90 -22.27
C THR C 126 -3.75 -32.15 -23.21
N LYS C 127 -4.15 -31.10 -23.95
CA LYS C 127 -5.24 -31.17 -24.89
C LYS C 127 -5.00 -30.19 -26.03
N GLY C 128 -5.29 -30.62 -27.26
CA GLY C 128 -5.19 -29.75 -28.41
C GLY C 128 -6.27 -28.69 -28.41
N PRO C 129 -5.96 -27.53 -28.96
CA PRO C 129 -6.94 -26.44 -29.00
C PRO C 129 -8.10 -26.75 -29.94
N SER C 130 -9.28 -26.26 -29.57
CA SER C 130 -10.46 -26.30 -30.42
C SER C 130 -10.64 -24.90 -31.02
N VAL C 131 -10.48 -24.81 -32.33
CA VAL C 131 -10.48 -23.52 -33.02
C VAL C 131 -11.81 -23.35 -33.74
N PHE C 132 -12.53 -22.28 -33.39
CA PHE C 132 -13.82 -21.97 -33.98
C PHE C 132 -13.75 -20.64 -34.72
N PRO C 133 -14.57 -20.45 -35.76
CA PRO C 133 -14.48 -19.23 -36.55
C PRO C 133 -15.33 -18.09 -36.01
N LEU C 134 -14.76 -16.88 -36.07
CA LEU C 134 -15.49 -15.65 -35.80
C LEU C 134 -15.87 -15.04 -37.14
N ALA C 135 -16.95 -15.54 -37.71
CA ALA C 135 -17.31 -15.20 -39.08
C ALA C 135 -17.70 -13.74 -39.20
N PRO C 136 -17.14 -12.99 -40.14
CA PRO C 136 -17.59 -11.61 -40.36
C PRO C 136 -19.00 -11.59 -40.94
N SER C 137 -19.77 -10.59 -40.53
CA SER C 137 -21.16 -10.46 -40.96
C SER C 137 -21.58 -9.01 -40.76
N SER C 138 -22.89 -8.77 -40.84
CA SER C 138 -23.42 -7.43 -40.61
C SER C 138 -23.19 -6.95 -39.18
N LYS C 139 -22.95 -7.86 -38.25
CA LYS C 139 -22.64 -7.50 -36.87
C LYS C 139 -21.18 -7.14 -36.66
N SER C 140 -20.35 -7.25 -37.71
CA SER C 140 -18.94 -6.88 -37.60
C SER C 140 -18.48 -6.04 -38.79
N THR C 141 -19.40 -5.42 -39.52
CA THR C 141 -19.06 -4.56 -40.65
C THR C 141 -19.63 -3.16 -40.38
N SER C 142 -18.75 -2.25 -39.96
CA SER C 142 -19.13 -0.89 -39.60
C SER C 142 -18.45 0.07 -40.58
N GLY C 143 -19.17 0.45 -41.64
CA GLY C 143 -18.68 1.43 -42.58
C GLY C 143 -17.42 1.03 -43.32
N GLY C 144 -17.49 -0.05 -44.09
CA GLY C 144 -16.38 -0.47 -44.93
C GLY C 144 -15.27 -1.21 -44.22
N THR C 145 -15.40 -1.48 -42.93
CA THR C 145 -14.40 -2.21 -42.17
C THR C 145 -15.05 -3.46 -41.57
N ALA C 146 -14.42 -4.61 -41.81
CA ALA C 146 -14.92 -5.89 -41.35
C ALA C 146 -14.01 -6.48 -40.29
N ALA C 147 -14.60 -7.18 -39.33
CA ALA C 147 -13.87 -7.80 -38.23
C ALA C 147 -14.12 -9.31 -38.25
N LEU C 148 -13.05 -10.09 -38.09
CA LEU C 148 -13.14 -11.54 -38.05
C LEU C 148 -11.98 -12.06 -37.23
N GLY C 149 -12.12 -13.31 -36.80
CA GLY C 149 -11.08 -13.90 -35.97
C GLY C 149 -11.27 -15.38 -35.78
N CYS C 150 -10.49 -15.93 -34.84
CA CYS C 150 -10.56 -17.33 -34.46
C CYS C 150 -10.57 -17.44 -32.94
N LEU C 151 -11.34 -18.41 -32.43
CA LEU C 151 -11.45 -18.65 -31.00
C LEU C 151 -10.65 -19.91 -30.66
N VAL C 152 -9.50 -19.72 -30.02
CA VAL C 152 -8.66 -20.83 -29.57
C VAL C 152 -9.09 -21.17 -28.15
N LYS C 153 -9.91 -22.21 -28.02
CA LYS C 153 -10.55 -22.55 -26.76
C LYS C 153 -10.18 -23.96 -26.33
N ASP C 154 -10.08 -24.16 -25.01
CA ASP C 154 -9.90 -25.47 -24.39
C ASP C 154 -8.60 -26.14 -24.87
N TYR C 155 -7.47 -25.52 -24.51
CA TYR C 155 -6.16 -26.09 -24.77
C TYR C 155 -5.31 -25.99 -23.52
N PHE C 156 -4.33 -26.90 -23.41
CA PHE C 156 -3.44 -26.95 -22.25
C PHE C 156 -2.19 -27.71 -22.64
N PRO C 157 -1.00 -27.26 -22.24
CA PRO C 157 -0.71 -26.02 -21.51
C PRO C 157 -0.32 -24.88 -22.44
N GLU C 158 0.19 -23.78 -21.88
CA GLU C 158 0.71 -22.69 -22.69
C GLU C 158 2.00 -23.13 -23.39
N PRO C 159 2.37 -22.48 -24.49
CA PRO C 159 1.64 -21.42 -25.21
C PRO C 159 1.07 -21.89 -26.54
N VAL C 160 0.39 -21.00 -27.25
CA VAL C 160 -0.04 -21.22 -28.63
C VAL C 160 0.33 -20.00 -29.45
N THR C 161 0.77 -20.23 -30.68
CA THR C 161 1.12 -19.17 -31.61
C THR C 161 0.13 -19.14 -32.75
N VAL C 162 -0.46 -17.97 -33.01
CA VAL C 162 -1.49 -17.80 -34.02
C VAL C 162 -0.99 -16.79 -35.05
N SER C 163 -1.11 -17.14 -36.33
CA SER C 163 -0.81 -16.25 -37.43
C SER C 163 -2.00 -16.22 -38.38
N TRP C 164 -1.92 -15.38 -39.41
CA TRP C 164 -2.97 -15.26 -40.40
C TRP C 164 -2.36 -15.30 -41.79
N ASN C 165 -2.98 -16.09 -42.68
CA ASN C 165 -2.51 -16.26 -44.05
C ASN C 165 -1.04 -16.66 -44.10
N SER C 166 -0.67 -17.56 -43.18
CA SER C 166 0.70 -18.06 -43.06
C SER C 166 1.71 -16.93 -42.88
N GLY C 167 1.32 -15.93 -42.09
CA GLY C 167 2.18 -14.79 -41.82
C GLY C 167 2.13 -13.68 -42.85
N ALA C 168 1.35 -13.85 -43.93
CA ALA C 168 1.25 -12.78 -44.92
C ALA C 168 0.44 -11.61 -44.39
N LEU C 169 -0.55 -11.87 -43.54
CA LEU C 169 -1.40 -10.82 -42.98
C LEU C 169 -0.89 -10.48 -41.58
N THR C 170 -0.44 -9.23 -41.40
CA THR C 170 0.06 -8.77 -40.12
C THR C 170 -0.51 -7.44 -39.66
N SER C 171 -1.03 -6.61 -40.56
CA SER C 171 -1.54 -5.30 -40.18
C SER C 171 -2.89 -5.44 -39.49
N GLY C 172 -3.03 -4.77 -38.35
CA GLY C 172 -4.27 -4.80 -37.60
C GLY C 172 -4.64 -6.15 -37.05
N VAL C 173 -3.66 -6.91 -36.56
CA VAL C 173 -3.88 -8.24 -35.99
C VAL C 173 -3.62 -8.16 -34.49
N HIS C 174 -4.59 -8.60 -33.70
CA HIS C 174 -4.48 -8.58 -32.24
C HIS C 174 -4.80 -9.97 -31.71
N THR C 175 -3.77 -10.64 -31.17
CA THR C 175 -3.94 -11.92 -30.51
C THR C 175 -3.94 -11.68 -29.00
N PHE C 176 -5.08 -11.96 -28.37
CA PHE C 176 -5.24 -11.64 -26.96
C PHE C 176 -4.50 -12.64 -26.08
N PRO C 177 -4.05 -12.21 -24.90
CA PRO C 177 -3.46 -13.15 -23.95
C PRO C 177 -4.49 -14.17 -23.49
N ALA C 178 -4.01 -15.39 -23.23
CA ALA C 178 -4.89 -16.46 -22.81
C ALA C 178 -5.41 -16.23 -21.40
N VAL C 179 -6.65 -16.65 -21.17
CA VAL C 179 -7.27 -16.60 -19.85
C VAL C 179 -7.50 -18.03 -19.38
N LEU C 180 -7.20 -18.28 -18.11
CA LEU C 180 -7.36 -19.61 -17.53
C LEU C 180 -8.82 -19.79 -17.13
N GLN C 181 -9.51 -20.70 -17.82
CA GLN C 181 -10.93 -20.93 -17.58
C GLN C 181 -11.13 -21.75 -16.30
N SER C 182 -12.40 -21.81 -15.88
CA SER C 182 -12.75 -22.58 -14.68
C SER C 182 -12.46 -24.06 -14.84
N SER C 183 -12.37 -24.56 -16.07
CA SER C 183 -12.06 -25.96 -16.32
C SER C 183 -10.56 -26.26 -16.27
N GLY C 184 -9.72 -25.25 -16.03
CA GLY C 184 -8.29 -25.43 -16.03
C GLY C 184 -7.63 -25.34 -17.38
N LEU C 185 -8.39 -25.04 -18.44
CA LEU C 185 -7.86 -24.95 -19.79
C LEU C 185 -7.79 -23.49 -20.22
N TYR C 186 -6.68 -23.12 -20.86
CA TYR C 186 -6.53 -21.76 -21.37
C TYR C 186 -7.39 -21.55 -22.61
N SER C 187 -7.72 -20.28 -22.86
CA SER C 187 -8.53 -19.93 -24.01
C SER C 187 -8.24 -18.49 -24.39
N LEU C 188 -7.81 -18.26 -25.63
CA LEU C 188 -7.59 -16.92 -26.16
C LEU C 188 -8.30 -16.81 -27.51
N SER C 189 -8.16 -15.65 -28.14
CA SER C 189 -8.73 -15.42 -29.46
C SER C 189 -7.89 -14.38 -30.19
N SER C 190 -7.71 -14.59 -31.50
CA SER C 190 -6.98 -13.67 -32.35
C SER C 190 -7.94 -13.06 -33.37
N VAL C 191 -7.84 -11.75 -33.56
CA VAL C 191 -8.74 -11.02 -34.44
C VAL C 191 -7.93 -10.18 -35.41
N VAL C 192 -8.60 -9.76 -36.48
CA VAL C 192 -7.99 -8.90 -37.49
C VAL C 192 -9.11 -8.12 -38.18
N THR C 193 -8.80 -6.88 -38.55
CA THR C 193 -9.71 -6.02 -39.28
C THR C 193 -9.24 -5.90 -40.73
N VAL C 194 -10.16 -6.16 -41.66
CA VAL C 194 -9.84 -6.12 -43.09
C VAL C 194 -10.95 -5.34 -43.79
N PRO C 195 -10.67 -4.78 -44.97
CA PRO C 195 -11.72 -4.12 -45.74
C PRO C 195 -12.86 -5.09 -46.07
N SER C 196 -14.09 -4.59 -45.92
CA SER C 196 -15.26 -5.43 -46.17
C SER C 196 -15.43 -5.76 -47.65
N SER C 197 -14.81 -4.99 -48.54
CA SER C 197 -14.90 -5.27 -49.97
C SER C 197 -14.15 -6.54 -50.36
N SER C 198 -13.17 -6.96 -49.57
CA SER C 198 -12.35 -8.12 -49.87
C SER C 198 -12.85 -9.38 -49.19
N LEU C 199 -13.99 -9.33 -48.49
CA LEU C 199 -14.51 -10.53 -47.85
C LEU C 199 -14.91 -11.58 -48.88
N GLY C 200 -15.54 -11.16 -49.97
CA GLY C 200 -15.98 -12.10 -50.99
C GLY C 200 -14.91 -12.58 -51.94
N THR C 201 -13.74 -11.96 -51.94
CA THR C 201 -12.64 -12.34 -52.82
C THR C 201 -11.45 -12.92 -52.09
N GLN C 202 -10.93 -12.21 -51.09
CA GLN C 202 -9.78 -12.68 -50.34
C GLN C 202 -10.19 -13.71 -49.30
N THR C 203 -9.38 -14.75 -49.15
CA THR C 203 -9.60 -15.80 -48.16
C THR C 203 -8.73 -15.55 -46.94
N TYR C 204 -9.29 -15.80 -45.76
CA TYR C 204 -8.60 -15.56 -44.50
C TYR C 204 -8.55 -16.85 -43.69
N ILE C 205 -7.35 -17.26 -43.29
CA ILE C 205 -7.13 -18.48 -42.54
C ILE C 205 -6.22 -18.17 -41.36
N CYS C 206 -6.61 -18.61 -40.17
CA CYS C 206 -5.80 -18.48 -38.97
C CYS C 206 -5.02 -19.78 -38.73
N ASN C 207 -3.79 -19.65 -38.27
CA ASN C 207 -2.86 -20.77 -38.12
C ASN C 207 -2.48 -20.90 -36.66
N VAL C 208 -3.20 -21.75 -35.93
CA VAL C 208 -2.94 -22.00 -34.52
C VAL C 208 -1.95 -23.16 -34.41
N ASN C 209 -0.88 -22.96 -33.64
CA ASN C 209 0.15 -23.98 -33.46
C ASN C 209 0.31 -24.24 -31.97
N HIS C 210 0.03 -25.47 -31.55
CA HIS C 210 0.18 -25.90 -30.17
C HIS C 210 1.30 -26.95 -30.13
N LYS C 211 2.53 -26.47 -30.01
CA LYS C 211 3.69 -27.37 -30.00
C LYS C 211 3.66 -28.40 -28.86
N PRO C 212 3.25 -28.07 -27.62
CA PRO C 212 3.21 -29.12 -26.59
C PRO C 212 2.40 -30.35 -26.97
N SER C 213 1.28 -30.18 -27.67
CA SER C 213 0.50 -31.31 -28.14
C SER C 213 0.82 -31.71 -29.57
N ASN C 214 1.79 -31.04 -30.21
CA ASN C 214 2.19 -31.33 -31.59
C ASN C 214 0.99 -31.26 -32.54
N THR C 215 0.11 -30.30 -32.28
CA THR C 215 -1.10 -30.10 -33.08
C THR C 215 -1.01 -28.74 -33.76
N LYS C 216 -1.33 -28.71 -35.06
CA LYS C 216 -1.32 -27.47 -35.84
C LYS C 216 -2.64 -27.39 -36.60
N VAL C 217 -3.53 -26.51 -36.17
CA VAL C 217 -4.85 -26.37 -36.74
C VAL C 217 -4.89 -25.12 -37.62
N ASP C 218 -5.39 -25.29 -38.85
CA ASP C 218 -5.65 -24.18 -39.75
C ASP C 218 -7.15 -24.08 -39.98
N LYS C 219 -7.72 -22.91 -39.73
CA LYS C 219 -9.15 -22.68 -39.82
C LYS C 219 -9.43 -21.56 -40.81
N ARG C 220 -10.33 -21.81 -41.74
CA ARG C 220 -10.71 -20.83 -42.76
C ARG C 220 -11.96 -20.10 -42.29
N VAL C 221 -11.87 -18.78 -42.18
CA VAL C 221 -12.98 -17.95 -41.71
C VAL C 221 -13.80 -17.57 -42.94
N GLU C 222 -14.89 -18.30 -43.18
CA GLU C 222 -15.77 -17.99 -44.30
C GLU C 222 -16.84 -17.00 -43.88
N PRO C 223 -16.99 -15.87 -44.59
CA PRO C 223 -17.96 -14.85 -44.17
C PRO C 223 -19.39 -15.36 -44.20
N LYS C 224 -20.18 -14.86 -43.26
CA LYS C 224 -21.62 -15.09 -43.19
C LYS C 224 -22.34 -14.01 -44.00
N SER C 225 -23.57 -14.33 -44.40
CA SER C 225 -24.39 -13.39 -45.16
C SER C 225 -25.31 -12.54 -44.29
N CYS C 226 -25.62 -12.99 -43.07
CA CYS C 226 -26.49 -12.22 -42.18
C CYS C 226 -25.81 -10.97 -41.65
N SER D 2 8.94 -3.57 6.63
CA SER D 2 8.28 -2.44 6.00
C SER D 2 7.27 -2.90 4.96
N VAL D 3 6.29 -2.02 4.70
CA VAL D 3 5.30 -2.23 3.65
C VAL D 3 5.51 -1.15 2.60
N LEU D 4 5.76 -1.57 1.37
CA LEU D 4 6.07 -0.64 0.27
C LEU D 4 4.84 -0.45 -0.60
N THR D 5 4.46 0.81 -0.78
CA THR D 5 3.33 1.18 -1.62
C THR D 5 3.81 2.16 -2.68
N GLN D 6 3.44 1.91 -3.94
CA GLN D 6 3.82 2.76 -5.05
C GLN D 6 2.60 3.42 -5.67
N SER D 7 2.81 4.58 -6.28
CA SER D 7 1.73 5.29 -6.96
C SER D 7 2.36 6.27 -7.93
N PRO D 8 1.71 6.54 -9.08
CA PRO D 8 0.47 5.91 -9.55
C PRO D 8 0.73 4.55 -10.17
N GLY D 9 -0.26 3.65 -10.19
CA GLY D 9 -0.06 2.37 -10.83
C GLY D 9 -0.02 2.44 -12.34
N THR D 10 -0.58 3.50 -12.92
CA THR D 10 -0.61 3.68 -14.37
C THR D 10 -0.26 5.15 -14.65
N LEU D 11 1.02 5.41 -14.87
CA LEU D 11 1.52 6.76 -15.16
C LEU D 11 1.64 6.90 -16.67
N SER D 12 0.65 7.56 -17.28
CA SER D 12 0.61 7.76 -18.73
C SER D 12 1.27 9.08 -19.07
N LEU D 13 2.45 9.02 -19.70
CA LEU D 13 3.20 10.22 -20.06
C LEU D 13 3.73 10.06 -21.47
N SER D 14 3.77 11.18 -22.20
CA SER D 14 4.28 11.19 -23.56
C SER D 14 5.79 10.97 -23.56
N PRO D 15 6.35 10.41 -24.63
CA PRO D 15 7.80 10.24 -24.71
C PRO D 15 8.50 11.60 -24.79
N GLY D 16 9.46 11.80 -23.89
CA GLY D 16 10.27 13.01 -23.90
C GLY D 16 10.04 13.96 -22.75
N GLU D 17 9.13 13.65 -21.83
CA GLU D 17 8.84 14.53 -20.71
C GLU D 17 9.23 13.86 -19.39
N ARG D 18 9.27 14.68 -18.34
CA ARG D 18 9.70 14.19 -17.04
C ARG D 18 8.69 13.22 -16.45
N ALA D 19 9.20 12.14 -15.87
CA ALA D 19 8.37 11.14 -15.19
C ALA D 19 8.80 11.04 -13.73
N THR D 20 7.82 11.10 -12.84
CA THR D 20 8.06 10.99 -11.41
C THR D 20 7.28 9.82 -10.84
N LEU D 21 7.97 8.92 -10.15
CA LEU D 21 7.38 7.73 -9.56
C LEU D 21 7.59 7.79 -8.05
N SER D 22 6.60 7.29 -7.31
CA SER D 22 6.62 7.39 -5.85
C SER D 22 6.66 6.01 -5.21
N CYS D 23 7.35 5.94 -4.07
CA CYS D 23 7.46 4.74 -3.27
C CYS D 23 7.43 5.12 -1.80
N ARG D 24 6.56 4.50 -1.02
CA ARG D 24 6.37 4.82 0.39
C ARG D 24 6.77 3.62 1.23
N ALA D 25 7.69 3.85 2.17
CA ALA D 25 8.10 2.83 3.13
C ALA D 25 7.36 3.11 4.43
N SER D 26 6.34 2.30 4.71
CA SER D 26 5.44 2.59 5.82
C SER D 26 6.07 2.24 7.17
N GLN D 27 6.38 0.96 7.38
CA GLN D 27 6.84 0.48 8.68
C GLN D 27 8.37 0.39 8.68
N THR D 28 9.00 1.57 8.64
CA THR D 28 10.45 1.67 8.63
C THR D 28 10.88 2.74 9.62
N VAL D 29 12.12 2.59 10.13
CA VAL D 29 12.71 3.61 10.99
C VAL D 29 13.26 4.78 10.20
N GLY D 30 13.42 4.64 8.90
CA GLY D 30 14.00 5.68 8.07
C GLY D 30 15.45 5.41 7.73
N SER D 31 15.69 4.91 6.52
CA SER D 31 17.05 4.57 6.09
C SER D 31 17.12 4.68 4.59
N SER D 32 18.35 4.84 4.09
CA SER D 32 18.61 4.93 2.66
C SER D 32 18.75 3.57 1.99
N TYR D 33 18.30 2.50 2.65
CA TYR D 33 18.42 1.15 2.09
C TYR D 33 17.20 0.84 1.23
N LEU D 34 17.12 1.53 0.10
CA LEU D 34 16.06 1.33 -0.88
C LEU D 34 16.67 1.13 -2.25
N ALA D 35 15.94 0.44 -3.12
CA ALA D 35 16.41 0.14 -4.47
C ALA D 35 15.27 0.33 -5.46
N TRP D 36 15.63 0.60 -6.70
CA TRP D 36 14.69 0.75 -7.80
C TRP D 36 15.04 -0.23 -8.92
N TYR D 37 14.01 -0.74 -9.59
CA TYR D 37 14.19 -1.74 -10.63
C TYR D 37 13.27 -1.43 -11.80
N GLN D 38 13.67 -1.89 -12.98
CA GLN D 38 12.86 -1.81 -14.19
C GLN D 38 12.69 -3.22 -14.75
N GLN D 39 11.44 -3.58 -15.06
CA GLN D 39 11.14 -4.89 -15.61
C GLN D 39 10.32 -4.74 -16.88
N LYS D 40 10.76 -5.41 -17.93
CA LYS D 40 10.05 -5.52 -19.20
C LYS D 40 9.46 -6.93 -19.34
N PRO D 41 8.37 -7.08 -20.10
CA PRO D 41 7.74 -8.40 -20.20
C PRO D 41 8.70 -9.44 -20.75
N GLY D 42 8.64 -10.64 -20.16
CA GLY D 42 9.54 -11.71 -20.55
C GLY D 42 10.96 -11.54 -20.08
N GLN D 43 11.23 -10.59 -19.19
CA GLN D 43 12.58 -10.31 -18.72
C GLN D 43 12.61 -10.20 -17.20
N ALA D 44 13.77 -10.46 -16.63
CA ALA D 44 13.99 -10.30 -15.21
C ALA D 44 14.19 -8.82 -14.87
N PRO D 45 13.91 -8.42 -13.63
CA PRO D 45 14.14 -7.02 -13.24
C PRO D 45 15.60 -6.64 -13.36
N ARG D 46 15.83 -5.37 -13.71
CA ARG D 46 17.17 -4.80 -13.85
C ARG D 46 17.34 -3.67 -12.86
N LEU D 47 18.44 -3.69 -12.12
CA LEU D 47 18.66 -2.69 -11.08
C LEU D 47 18.95 -1.33 -11.70
N LEU D 48 18.32 -0.29 -11.16
CA LEU D 48 18.52 1.08 -11.62
C LEU D 48 19.18 1.94 -10.56
N ILE D 49 18.60 2.02 -9.37
CA ILE D 49 19.12 2.84 -8.28
C ILE D 49 19.36 1.94 -7.07
N TYR D 50 20.56 2.02 -6.51
CA TYR D 50 20.86 1.38 -5.24
C TYR D 50 21.12 2.46 -4.19
N GLY D 51 20.60 2.25 -2.99
CA GLY D 51 20.64 3.29 -1.99
C GLY D 51 19.61 4.37 -2.27
N ALA D 52 19.78 5.50 -1.58
CA ALA D 52 18.84 6.60 -1.72
C ALA D 52 18.89 7.23 -3.10
N SER D 53 20.09 7.52 -3.59
CA SER D 53 20.23 8.26 -4.85
C SER D 53 21.35 7.77 -5.75
N SER D 54 22.05 6.70 -5.40
CA SER D 54 23.20 6.25 -6.18
C SER D 54 22.74 5.47 -7.41
N ARG D 55 23.28 5.83 -8.57
CA ARG D 55 22.97 5.14 -9.81
C ARG D 55 23.77 3.85 -9.93
N ALA D 56 23.10 2.79 -10.36
CA ALA D 56 23.80 1.53 -10.63
C ALA D 56 24.66 1.66 -11.87
N THR D 57 25.66 0.78 -11.96
CA THR D 57 26.57 0.80 -13.09
C THR D 57 25.83 0.50 -14.39
N GLY D 58 26.12 1.29 -15.43
CA GLY D 58 25.49 1.13 -16.72
C GLY D 58 24.14 1.79 -16.86
N ILE D 59 23.66 2.49 -15.84
CA ILE D 59 22.36 3.17 -15.90
C ILE D 59 22.56 4.58 -16.44
N PRO D 60 21.80 4.99 -17.45
CA PRO D 60 21.98 6.33 -18.01
C PRO D 60 21.63 7.42 -17.00
N ASP D 61 22.14 8.63 -17.27
CA ASP D 61 22.02 9.74 -16.34
C ASP D 61 20.57 10.17 -16.11
N ARG D 62 19.67 9.88 -17.06
CA ARG D 62 18.29 10.33 -16.92
C ARG D 62 17.58 9.70 -15.74
N PHE D 63 18.06 8.56 -15.24
CA PHE D 63 17.48 7.92 -14.07
C PHE D 63 18.15 8.45 -12.80
N SER D 64 17.34 8.80 -11.81
CA SER D 64 17.85 9.30 -10.55
C SER D 64 16.81 9.06 -9.47
N GLY D 65 17.28 8.97 -8.22
CA GLY D 65 16.41 8.75 -7.10
C GLY D 65 16.67 9.75 -5.99
N SER D 66 15.69 9.87 -5.11
CA SER D 66 15.80 10.74 -3.94
C SER D 66 14.83 10.24 -2.88
N GLY D 67 15.04 10.69 -1.66
CA GLY D 67 14.17 10.27 -0.57
C GLY D 67 14.26 11.20 0.61
N SER D 68 13.23 11.14 1.46
CA SER D 68 13.19 11.92 2.70
C SER D 68 12.44 11.10 3.75
N GLY D 69 13.18 10.29 4.49
CA GLY D 69 12.64 9.52 5.60
C GLY D 69 11.76 8.35 5.21
N THR D 70 10.59 8.65 4.68
CA THR D 70 9.61 7.64 4.30
C THR D 70 9.08 7.78 2.89
N ASP D 71 9.15 8.97 2.28
CA ASP D 71 8.72 9.19 0.91
C ASP D 71 9.94 9.20 -0.01
N PHE D 72 9.86 8.43 -1.09
CA PHE D 72 10.96 8.30 -2.04
C PHE D 72 10.42 8.47 -3.45
N THR D 73 11.26 9.01 -4.33
CA THR D 73 10.87 9.28 -5.71
C THR D 73 11.96 8.81 -6.67
N LEU D 74 11.54 8.13 -7.74
CA LEU D 74 12.40 7.81 -8.87
C LEU D 74 11.97 8.69 -10.04
N THR D 75 12.89 9.52 -10.54
CA THR D 75 12.57 10.51 -11.55
C THR D 75 13.39 10.24 -12.81
N ILE D 76 12.72 10.25 -13.96
CA ILE D 76 13.35 10.15 -15.27
C ILE D 76 13.22 11.51 -15.94
N SER D 77 14.37 12.14 -16.22
CA SER D 77 14.35 13.52 -16.74
C SER D 77 13.66 13.58 -18.10
N ARG D 78 14.00 12.67 -19.00
CA ARG D 78 13.37 12.61 -20.31
C ARG D 78 13.04 11.17 -20.63
N LEU D 79 11.80 10.92 -21.06
CA LEU D 79 11.34 9.56 -21.32
C LEU D 79 11.78 9.11 -22.70
N GLU D 80 12.59 8.06 -22.74
CA GLU D 80 13.00 7.41 -23.98
C GLU D 80 12.00 6.33 -24.36
N PRO D 81 11.97 5.93 -25.63
CA PRO D 81 11.01 4.88 -26.03
C PRO D 81 11.18 3.56 -25.29
N GLU D 82 12.37 3.25 -24.81
CA GLU D 82 12.62 2.02 -24.08
C GLU D 82 12.40 2.16 -22.58
N ASP D 83 11.97 3.32 -22.10
CA ASP D 83 11.73 3.54 -20.69
C ASP D 83 10.29 3.26 -20.26
N PHE D 84 9.43 2.83 -21.18
CA PHE D 84 8.03 2.56 -20.85
C PHE D 84 7.92 1.11 -20.41
N ALA D 85 7.98 0.89 -19.10
CA ALA D 85 7.91 -0.45 -18.53
C ALA D 85 7.41 -0.33 -17.10
N VAL D 86 7.42 -1.44 -16.37
CA VAL D 86 7.00 -1.49 -14.98
C VAL D 86 8.21 -1.29 -14.09
N TYR D 87 8.01 -0.60 -12.97
CA TYR D 87 9.09 -0.28 -12.04
C TYR D 87 8.69 -0.70 -10.63
N TYR D 88 9.64 -1.29 -9.91
CA TYR D 88 9.43 -1.73 -8.54
C TYR D 88 10.47 -1.12 -7.62
N CYS D 89 10.06 -0.83 -6.39
CA CYS D 89 10.98 -0.40 -5.35
C CYS D 89 11.09 -1.47 -4.28
N GLN D 90 12.29 -1.60 -3.72
CA GLN D 90 12.60 -2.68 -2.79
C GLN D 90 13.31 -2.12 -1.57
N GLN D 91 12.84 -2.51 -0.37
CA GLN D 91 13.53 -2.23 0.88
C GLN D 91 13.71 -3.56 1.60
N TYR D 92 14.97 -4.00 1.73
CA TYR D 92 15.29 -5.32 2.25
C TYR D 92 14.57 -6.40 1.45
N GLU D 93 13.63 -7.10 2.06
CA GLU D 93 12.89 -8.16 1.37
C GLU D 93 11.51 -7.74 0.91
N ALA D 94 11.11 -6.49 1.14
CA ALA D 94 9.79 -6.01 0.76
C ALA D 94 9.83 -5.41 -0.64
N PHE D 95 8.76 -5.64 -1.40
CA PHE D 95 8.61 -5.11 -2.75
C PHE D 95 7.30 -4.34 -2.84
N GLY D 96 7.32 -3.24 -3.59
CA GLY D 96 6.11 -2.50 -3.86
C GLY D 96 5.24 -3.17 -4.90
N GLN D 97 4.01 -2.67 -5.03
CA GLN D 97 3.08 -3.25 -5.99
C GLN D 97 3.47 -2.92 -7.43
N GLY D 98 4.26 -1.87 -7.64
CA GLY D 98 4.76 -1.55 -8.96
C GLY D 98 4.05 -0.36 -9.59
N THR D 99 4.74 0.26 -10.54
CA THR D 99 4.22 1.39 -11.30
C THR D 99 4.49 1.15 -12.78
N LYS D 100 3.43 1.21 -13.59
CA LYS D 100 3.54 0.99 -15.03
C LYS D 100 3.55 2.32 -15.75
N VAL D 101 4.61 2.59 -16.50
CA VAL D 101 4.74 3.80 -17.30
C VAL D 101 4.33 3.45 -18.73
N GLU D 102 3.24 4.09 -19.17
CA GLU D 102 2.64 3.84 -20.50
C GLU D 102 2.72 5.09 -21.35
N ILE D 103 2.34 4.96 -22.61
CA ILE D 103 2.48 6.10 -23.55
C ILE D 103 1.18 6.90 -23.53
N LYS D 104 1.30 8.22 -23.57
CA LYS D 104 0.13 9.14 -23.59
C LYS D 104 -0.28 9.36 -25.04
N ARG D 105 -1.56 9.49 -25.28
CA ARG D 105 -2.10 9.61 -26.63
C ARG D 105 -3.54 10.12 -26.55
N THR D 106 -4.04 10.57 -27.70
CA THR D 106 -5.40 11.09 -27.77
C THR D 106 -6.41 10.01 -27.39
N VAL D 107 -7.47 10.43 -26.70
CA VAL D 107 -8.53 9.49 -26.32
C VAL D 107 -9.17 8.93 -27.58
N ALA D 108 -9.28 7.60 -27.63
CA ALA D 108 -9.84 6.90 -28.78
C ALA D 108 -10.99 6.03 -28.32
N ALA D 109 -12.12 6.13 -29.03
CA ALA D 109 -13.27 5.29 -28.73
C ALA D 109 -13.06 3.88 -29.29
N PRO D 110 -13.52 2.85 -28.59
CA PRO D 110 -13.36 1.49 -29.11
C PRO D 110 -14.29 1.21 -30.26
N SER D 111 -13.85 0.32 -31.15
CA SER D 111 -14.69 -0.21 -32.22
C SER D 111 -15.31 -1.51 -31.70
N VAL D 112 -16.58 -1.44 -31.30
CA VAL D 112 -17.24 -2.54 -30.63
C VAL D 112 -17.81 -3.49 -31.68
N PHE D 113 -17.34 -4.74 -31.66
CA PHE D 113 -17.86 -5.80 -32.51
C PHE D 113 -18.36 -6.94 -31.62
N ILE D 114 -19.40 -7.63 -32.09
CA ILE D 114 -19.98 -8.74 -31.36
C ILE D 114 -20.06 -9.95 -32.28
N PHE D 115 -19.70 -11.11 -31.76
CA PHE D 115 -19.67 -12.35 -32.54
C PHE D 115 -20.55 -13.40 -31.87
N PRO D 116 -21.61 -13.87 -32.53
CA PRO D 116 -22.41 -14.97 -31.97
C PRO D 116 -21.61 -16.26 -31.96
N PRO D 117 -22.00 -17.22 -31.12
CA PRO D 117 -21.32 -18.52 -31.14
C PRO D 117 -21.42 -19.18 -32.50
N SER D 118 -20.32 -19.80 -32.93
CA SER D 118 -20.29 -20.48 -34.21
C SER D 118 -21.17 -21.72 -34.17
N ASP D 119 -21.75 -22.07 -35.33
CA ASP D 119 -22.57 -23.27 -35.42
C ASP D 119 -21.76 -24.52 -35.10
N GLU D 120 -20.47 -24.53 -35.44
CA GLU D 120 -19.63 -25.67 -35.12
C GLU D 120 -19.49 -25.85 -33.62
N GLN D 121 -19.32 -24.75 -32.89
CA GLN D 121 -19.17 -24.84 -31.42
C GLN D 121 -20.47 -25.27 -30.76
N LEU D 122 -21.62 -24.88 -31.32
CA LEU D 122 -22.89 -25.27 -30.72
C LEU D 122 -23.10 -26.78 -30.77
N LYS D 123 -22.48 -27.46 -31.75
CA LYS D 123 -22.62 -28.89 -31.86
C LYS D 123 -21.94 -29.64 -30.71
N SER D 124 -20.97 -29.02 -30.05
CA SER D 124 -20.29 -29.62 -28.91
C SER D 124 -20.95 -29.27 -27.58
N GLY D 125 -22.06 -28.54 -27.60
CA GLY D 125 -22.77 -28.20 -26.39
C GLY D 125 -22.26 -26.98 -25.65
N THR D 126 -21.35 -26.21 -26.24
CA THR D 126 -20.80 -25.02 -25.63
C THR D 126 -21.04 -23.82 -26.54
N ALA D 127 -21.44 -22.70 -25.94
CA ALA D 127 -21.67 -21.46 -26.66
C ALA D 127 -20.78 -20.37 -26.09
N SER D 128 -20.07 -19.67 -26.97
CA SER D 128 -19.19 -18.57 -26.57
C SER D 128 -19.52 -17.35 -27.42
N VAL D 129 -19.75 -16.21 -26.76
CA VAL D 129 -20.02 -14.94 -27.42
C VAL D 129 -18.86 -14.01 -27.13
N VAL D 130 -18.28 -13.43 -28.18
CA VAL D 130 -17.07 -12.62 -28.07
C VAL D 130 -17.42 -11.17 -28.33
N CYS D 131 -17.05 -10.30 -27.40
CA CYS D 131 -17.20 -8.85 -27.54
C CYS D 131 -15.81 -8.27 -27.74
N LEU D 132 -15.62 -7.57 -28.86
CA LEU D 132 -14.33 -7.05 -29.26
C LEU D 132 -14.29 -5.53 -29.12
N LEU D 133 -13.28 -5.02 -28.43
CA LEU D 133 -13.00 -3.60 -28.32
C LEU D 133 -11.67 -3.35 -29.01
N ASN D 134 -11.70 -2.59 -30.11
CA ASN D 134 -10.56 -2.47 -30.99
C ASN D 134 -10.00 -1.05 -30.95
N ASN D 135 -8.72 -0.94 -30.57
CA ASN D 135 -7.94 0.29 -30.71
C ASN D 135 -8.60 1.47 -29.99
N PHE D 136 -8.68 1.34 -28.67
CA PHE D 136 -9.18 2.41 -27.82
C PHE D 136 -8.12 2.86 -26.84
N TYR D 137 -8.43 3.95 -26.12
CA TYR D 137 -7.54 4.52 -25.11
C TYR D 137 -8.37 5.45 -24.25
N PRO D 138 -8.13 5.48 -22.93
CA PRO D 138 -7.15 4.71 -22.16
C PRO D 138 -7.60 3.27 -21.89
N ARG D 139 -6.81 2.51 -21.13
CA ARG D 139 -7.10 1.10 -20.90
C ARG D 139 -8.39 0.90 -20.11
N GLU D 140 -8.84 1.90 -19.35
CA GLU D 140 -10.04 1.75 -18.55
C GLU D 140 -11.27 1.62 -19.45
N ALA D 141 -12.10 0.62 -19.17
CA ALA D 141 -13.33 0.37 -19.89
C ALA D 141 -14.14 -0.66 -19.12
N LYS D 142 -15.47 -0.50 -19.15
CA LYS D 142 -16.39 -1.41 -18.47
C LYS D 142 -17.24 -2.12 -19.52
N VAL D 143 -17.17 -3.44 -19.54
CA VAL D 143 -17.95 -4.27 -20.45
C VAL D 143 -18.93 -5.09 -19.62
N GLN D 144 -20.21 -4.99 -19.97
CA GLN D 144 -21.26 -5.68 -19.24
C GLN D 144 -22.11 -6.48 -20.22
N TRP D 145 -22.30 -7.76 -19.92
CA TRP D 145 -23.11 -8.63 -20.77
C TRP D 145 -24.56 -8.60 -20.30
N LYS D 146 -25.48 -8.38 -21.24
CA LYS D 146 -26.91 -8.38 -20.96
C LYS D 146 -27.59 -9.37 -21.89
N VAL D 147 -28.25 -10.37 -21.31
CA VAL D 147 -28.96 -11.39 -22.05
C VAL D 147 -30.45 -11.20 -21.79
N ASP D 148 -31.19 -10.86 -22.84
CA ASP D 148 -32.61 -10.51 -22.73
C ASP D 148 -32.81 -9.40 -21.70
N ASN D 149 -31.95 -8.38 -21.81
CA ASN D 149 -31.98 -7.21 -20.92
C ASN D 149 -31.83 -7.62 -19.45
N ALA D 150 -30.94 -8.59 -19.20
CA ALA D 150 -30.62 -9.03 -17.85
C ALA D 150 -29.11 -9.07 -17.70
N LEU D 151 -28.59 -8.34 -16.72
CA LEU D 151 -27.14 -8.27 -16.53
C LEU D 151 -26.59 -9.61 -16.05
N GLN D 152 -25.46 -10.02 -16.62
CA GLN D 152 -24.81 -11.27 -16.29
C GLN D 152 -23.70 -11.04 -15.29
N SER D 153 -23.38 -12.09 -14.54
CA SER D 153 -22.38 -12.00 -13.47
C SER D 153 -21.65 -13.32 -13.34
N GLY D 154 -20.31 -13.28 -13.44
CA GLY D 154 -19.48 -14.42 -13.15
C GLY D 154 -19.34 -15.43 -14.27
N ASN D 155 -20.00 -15.24 -15.41
CA ASN D 155 -19.94 -16.18 -16.52
C ASN D 155 -19.18 -15.60 -17.71
N SER D 156 -18.24 -14.69 -17.47
CA SER D 156 -17.47 -14.08 -18.55
C SER D 156 -16.07 -13.76 -18.06
N GLN D 157 -15.14 -13.71 -19.01
CA GLN D 157 -13.76 -13.37 -18.76
C GLN D 157 -13.30 -12.35 -19.79
N GLU D 158 -12.22 -11.64 -19.47
CA GLU D 158 -11.71 -10.63 -20.39
C GLU D 158 -10.20 -10.56 -20.30
N SER D 159 -9.56 -10.30 -21.45
CA SER D 159 -8.13 -10.12 -21.55
C SER D 159 -7.84 -8.90 -22.42
N VAL D 160 -6.69 -8.27 -22.17
CA VAL D 160 -6.31 -7.03 -22.82
C VAL D 160 -4.94 -7.20 -23.46
N THR D 161 -4.82 -6.77 -24.73
CA THR D 161 -3.53 -6.75 -25.38
C THR D 161 -2.66 -5.61 -24.82
N GLU D 162 -1.37 -5.68 -25.12
CA GLU D 162 -0.48 -4.60 -24.76
C GLU D 162 -0.69 -3.41 -25.69
N GLN D 163 0.00 -2.31 -25.38
CA GLN D 163 -0.07 -1.14 -26.26
C GLN D 163 0.50 -1.49 -27.62
N ASP D 164 -0.26 -1.18 -28.66
CA ASP D 164 0.20 -1.44 -30.02
C ASP D 164 1.41 -0.57 -30.34
N SER D 165 2.38 -1.18 -31.04
CA SER D 165 3.63 -0.47 -31.33
C SER D 165 3.45 0.71 -32.26
N LYS D 166 2.33 0.78 -32.98
CA LYS D 166 2.11 1.85 -33.94
C LYS D 166 1.31 3.02 -33.35
N ASP D 167 0.09 2.75 -32.89
CA ASP D 167 -0.81 3.80 -32.41
C ASP D 167 -0.94 3.84 -30.90
N SER D 168 -0.23 2.98 -30.17
CA SER D 168 -0.22 2.98 -28.70
C SER D 168 -1.62 2.83 -28.12
N THR D 169 -2.45 2.02 -28.78
CA THR D 169 -3.81 1.78 -28.31
C THR D 169 -3.94 0.41 -27.66
N TYR D 170 -5.11 0.17 -27.08
CA TYR D 170 -5.41 -1.08 -26.40
C TYR D 170 -6.56 -1.79 -27.09
N SER D 171 -6.52 -3.12 -27.05
CA SER D 171 -7.60 -3.95 -27.56
C SER D 171 -8.03 -4.90 -26.45
N LEU D 172 -9.34 -4.97 -26.21
CA LEU D 172 -9.90 -5.77 -25.12
C LEU D 172 -10.88 -6.78 -25.68
N SER D 173 -10.76 -8.03 -25.24
CA SER D 173 -11.67 -9.10 -25.60
C SER D 173 -12.46 -9.50 -24.36
N SER D 174 -13.78 -9.65 -24.52
CA SER D 174 -14.66 -10.08 -23.43
C SER D 174 -15.47 -11.26 -23.93
N THR D 175 -15.20 -12.45 -23.39
CA THR D 175 -15.85 -13.67 -23.82
C THR D 175 -16.89 -14.11 -22.79
N LEU D 176 -18.11 -14.34 -23.26
CA LEU D 176 -19.19 -14.85 -22.43
C LEU D 176 -19.37 -16.34 -22.73
N THR D 177 -19.25 -17.18 -21.71
CA THR D 177 -19.29 -18.63 -21.87
C THR D 177 -20.57 -19.17 -21.26
N LEU D 178 -21.35 -19.90 -22.05
CA LEU D 178 -22.59 -20.51 -21.60
C LEU D 178 -22.70 -21.90 -22.20
N SER D 179 -23.72 -22.63 -21.75
CA SER D 179 -24.03 -23.93 -22.31
C SER D 179 -24.99 -23.79 -23.49
N LYS D 180 -25.11 -24.87 -24.27
CA LYS D 180 -26.04 -24.86 -25.39
C LYS D 180 -27.48 -24.68 -24.92
N ALA D 181 -27.85 -25.36 -23.83
CA ALA D 181 -29.22 -25.27 -23.34
C ALA D 181 -29.57 -23.85 -22.90
N ASP D 182 -28.64 -23.19 -22.19
CA ASP D 182 -28.89 -21.82 -21.76
C ASP D 182 -28.85 -20.85 -22.93
N TYR D 183 -28.06 -21.14 -23.96
CA TYR D 183 -27.97 -20.24 -25.11
C TYR D 183 -29.22 -20.31 -25.98
N GLU D 184 -29.90 -21.47 -26.00
CA GLU D 184 -31.07 -21.64 -26.84
C GLU D 184 -32.34 -21.07 -26.23
N LYS D 185 -32.32 -20.65 -24.96
CA LYS D 185 -33.50 -20.16 -24.28
C LYS D 185 -33.56 -18.64 -24.22
N HIS D 186 -32.68 -17.94 -24.93
CA HIS D 186 -32.70 -16.49 -24.97
C HIS D 186 -32.40 -16.02 -26.40
N LYS D 187 -32.96 -14.88 -26.77
CA LYS D 187 -32.81 -14.33 -28.12
C LYS D 187 -31.77 -13.23 -28.20
N VAL D 188 -31.90 -12.18 -27.39
CA VAL D 188 -31.10 -10.98 -27.53
C VAL D 188 -29.84 -11.12 -26.68
N TYR D 189 -28.69 -10.91 -27.30
CA TYR D 189 -27.40 -10.89 -26.62
C TYR D 189 -26.68 -9.59 -26.95
N ALA D 190 -26.11 -8.96 -25.92
CA ALA D 190 -25.46 -7.67 -26.12
C ALA D 190 -24.40 -7.46 -25.05
N CYS D 191 -23.34 -6.74 -25.42
CA CYS D 191 -22.32 -6.27 -24.49
C CYS D 191 -22.30 -4.75 -24.51
N GLU D 192 -22.34 -4.14 -23.32
CA GLU D 192 -22.39 -2.69 -23.16
C GLU D 192 -21.00 -2.20 -22.78
N VAL D 193 -20.37 -1.46 -23.69
CA VAL D 193 -19.06 -0.88 -23.46
C VAL D 193 -19.25 0.55 -22.96
N THR D 194 -18.71 0.85 -21.78
CA THR D 194 -18.85 2.16 -21.16
C THR D 194 -17.48 2.78 -20.99
N GLN D 195 -17.31 4.00 -21.50
CA GLN D 195 -16.03 4.70 -21.41
C GLN D 195 -16.30 6.20 -21.53
N GLY D 196 -16.11 6.92 -20.42
CA GLY D 196 -16.21 8.37 -20.44
C GLY D 196 -17.56 8.89 -20.90
N THR D 197 -18.59 8.67 -20.08
CA THR D 197 -19.95 9.16 -20.32
C THR D 197 -20.50 8.70 -21.68
N THR D 198 -20.06 7.53 -22.13
CA THR D 198 -20.55 6.94 -23.38
C THR D 198 -20.76 5.45 -23.16
N SER D 199 -21.89 4.94 -23.66
CA SER D 199 -22.25 3.54 -23.50
C SER D 199 -22.75 3.01 -24.84
N VAL D 200 -21.85 2.41 -25.62
CA VAL D 200 -22.20 1.78 -26.88
C VAL D 200 -22.57 0.33 -26.62
N THR D 201 -23.72 -0.09 -27.14
CA THR D 201 -24.24 -1.43 -26.92
C THR D 201 -24.50 -2.11 -28.26
N LYS D 202 -23.63 -3.05 -28.62
CA LYS D 202 -23.82 -3.86 -29.82
C LYS D 202 -24.60 -5.12 -29.45
N SER D 203 -25.62 -5.44 -30.22
CA SER D 203 -26.53 -6.52 -29.89
C SER D 203 -26.83 -7.36 -31.14
N PHE D 204 -27.42 -8.52 -30.92
CA PHE D 204 -27.90 -9.37 -31.99
C PHE D 204 -28.97 -10.30 -31.44
N ASN D 205 -29.73 -10.90 -32.36
CA ASN D 205 -30.72 -11.91 -32.03
C ASN D 205 -30.22 -13.27 -32.49
N ARG D 206 -30.58 -14.30 -31.72
CA ARG D 206 -30.03 -15.63 -31.97
C ARG D 206 -30.37 -16.11 -33.38
N GLY D 207 -31.64 -16.03 -33.76
CA GLY D 207 -32.02 -16.31 -35.12
C GLY D 207 -31.59 -15.19 -36.04
N GLU D 208 -30.63 -15.47 -36.92
CA GLU D 208 -29.99 -14.52 -37.82
C GLU D 208 -30.84 -13.30 -38.21
#